data_5GQ0
#
_entry.id   5GQ0
#
_cell.length_a   100.127
_cell.length_b   100.127
_cell.length_c   164.814
_cell.angle_alpha   90.00
_cell.angle_beta   90.00
_cell.angle_gamma   90.00
#
_symmetry.space_group_name_H-M   'P 41 21 2'
#
loop_
_entity.id
_entity.type
_entity.pdbx_description
1 polymer 'Epithiospecifier protein'
2 water water
#
_entity_poly.entity_id   1
_entity_poly.type   'polypeptide(L)'
_entity_poly.pdbx_seq_one_letter_code
;MAPTLQGQWIKVGQKGGTGPGPRSSHGIAAVGDKLYSFGGELTPNKHIDKDLYVFDFNTQTWSIAQPKGDAPTVSCLGVR
MVAVGTKIYIFGGRDENRNFENFRSYDTVTSEWTFLTKLDEVGGPEARTFHSMASDENHVYVFGGVSKGGTMNTPTRFRT
IEAYNIADGKWAQLPDPGDNFEKRGGAGFAVVQGKIWVVYGFATSIVPGGKDDYESNAVQFYDPASKKWTEVETTGAKPS
ARSVFAHAVVGKYIIIFAGEVWPDLNGHYGPGTLSNEGYALDTETLVWEKLGEEGAPAIPRGWTAYTAATVDGKNGLLMH
GGKLPTNERTDDLYFYAVNSALEHHHHHH
;
_entity_poly.pdbx_strand_id   B,A
#
# COMPACT_ATOMS: atom_id res chain seq x y z
N THR A 4 -13.11 -6.24 -19.15
CA THR A 4 -12.70 -5.58 -17.91
C THR A 4 -13.72 -4.54 -17.47
N LEU A 5 -13.82 -4.36 -16.16
CA LEU A 5 -14.73 -3.39 -15.54
C LEU A 5 -14.31 -1.98 -15.89
N GLN A 6 -15.28 -1.10 -16.11
CA GLN A 6 -14.95 0.28 -16.43
C GLN A 6 -15.78 1.25 -15.61
N GLY A 7 -15.10 2.17 -14.94
CA GLY A 7 -15.74 3.13 -14.06
C GLY A 7 -14.80 4.23 -13.61
N GLN A 8 -15.28 5.12 -12.76
CA GLN A 8 -14.43 6.19 -12.22
C GLN A 8 -14.88 6.69 -10.84
N TRP A 9 -13.94 7.28 -10.08
CA TRP A 9 -14.23 7.87 -8.78
C TRP A 9 -14.74 9.28 -8.92
N ILE A 10 -15.72 9.61 -8.09
CA ILE A 10 -16.32 10.92 -8.01
C ILE A 10 -16.41 11.33 -6.56
N LYS A 11 -15.91 12.51 -6.23
CA LYS A 11 -16.04 13.02 -4.88
C LYS A 11 -17.40 13.67 -4.73
N VAL A 12 -18.24 13.10 -3.87
CA VAL A 12 -19.60 13.61 -3.70
C VAL A 12 -19.65 14.82 -2.78
N GLY A 13 -20.02 15.97 -3.34
CA GLY A 13 -20.11 17.17 -2.56
C GLY A 13 -21.12 17.05 -1.43
N GLN A 14 -20.80 17.63 -0.27
CA GLN A 14 -21.69 17.67 0.88
C GLN A 14 -21.97 19.13 1.20
N LYS A 15 -23.22 19.53 1.02
CA LYS A 15 -23.54 20.95 0.92
C LYS A 15 -24.15 21.52 2.18
N GLY A 16 -24.09 20.75 3.27
CA GLY A 16 -24.48 21.26 4.57
C GLY A 16 -25.51 20.40 5.26
N GLY A 17 -26.08 20.95 6.33
CA GLY A 17 -27.04 20.24 7.15
C GLY A 17 -26.40 19.66 8.40
N THR A 18 -27.11 18.74 9.05
CA THR A 18 -26.64 18.08 10.27
C THR A 18 -26.02 16.72 9.94
N GLY A 19 -24.72 16.73 9.64
CA GLY A 19 -24.00 15.54 9.20
C GLY A 19 -23.21 14.85 10.29
N PRO A 20 -22.69 13.65 10.01
CA PRO A 20 -21.98 12.88 11.05
C PRO A 20 -20.60 13.43 11.38
N GLY A 21 -20.03 14.24 10.49
CA GLY A 21 -18.67 14.68 10.65
C GLY A 21 -17.70 13.52 10.42
N PRO A 22 -16.41 13.73 10.66
CA PRO A 22 -15.42 12.67 10.41
C PRO A 22 -15.53 11.51 11.37
N ARG A 23 -15.46 10.29 10.86
CA ARG A 23 -15.48 9.11 11.72
C ARG A 23 -15.10 7.89 10.93
N SER A 24 -14.77 6.81 11.65
CA SER A 24 -14.44 5.55 11.02
C SER A 24 -15.28 4.50 11.73
N SER A 25 -15.24 3.28 11.22
CA SER A 25 -15.76 2.11 11.91
C SER A 25 -17.27 2.13 12.08
N HIS A 26 -17.94 2.84 11.19
CA HIS A 26 -19.39 2.96 11.19
C HIS A 26 -20.04 2.18 10.05
N GLY A 27 -21.36 2.11 10.03
CA GLY A 27 -22.07 1.39 9.00
C GLY A 27 -22.98 2.31 8.20
N ILE A 28 -22.95 2.19 6.89
CA ILE A 28 -23.89 2.90 6.04
C ILE A 28 -24.63 1.96 5.11
N ALA A 29 -25.77 2.42 4.62
CA ALA A 29 -26.46 1.69 3.55
C ALA A 29 -27.39 2.61 2.80
N ALA A 30 -27.63 2.31 1.53
CA ALA A 30 -28.40 3.21 0.67
C ALA A 30 -29.76 2.64 0.37
N VAL A 31 -30.78 3.47 0.53
CA VAL A 31 -32.12 3.14 0.08
C VAL A 31 -32.61 4.26 -0.84
N GLY A 32 -32.84 3.93 -2.11
CA GLY A 32 -33.27 4.91 -3.08
C GLY A 32 -32.27 6.05 -3.21
N ASP A 33 -32.78 7.26 -3.01
CA ASP A 33 -31.99 8.47 -3.14
C ASP A 33 -31.35 8.87 -1.82
N LYS A 34 -31.37 7.96 -0.84
CA LYS A 34 -30.86 8.32 0.47
C LYS A 34 -29.79 7.38 1.02
N LEU A 35 -28.87 7.97 1.77
CA LEU A 35 -27.82 7.22 2.46
C LEU A 35 -28.04 7.32 3.95
N TYR A 36 -27.97 6.19 4.64
CA TYR A 36 -28.16 6.17 6.09
C TYR A 36 -26.84 5.77 6.74
N SER A 37 -26.49 6.44 7.84
CA SER A 37 -25.24 6.20 8.56
C SER A 37 -25.48 6.06 10.06
N PHE A 38 -24.95 4.99 10.62
CA PHE A 38 -25.06 4.75 12.06
C PHE A 38 -23.73 4.28 12.61
N GLY A 39 -23.36 4.82 13.78
CA GLY A 39 -22.16 4.41 14.46
C GLY A 39 -20.95 5.27 14.15
N GLY A 40 -19.82 4.93 14.75
CA GLY A 40 -18.62 5.68 14.48
C GLY A 40 -17.64 5.83 15.63
N GLU A 41 -16.42 6.14 15.26
CA GLU A 41 -15.30 6.22 16.16
C GLU A 41 -14.49 7.42 15.67
N LEU A 42 -14.21 8.37 16.56
CA LEU A 42 -13.40 9.54 16.17
C LEU A 42 -12.09 9.54 16.97
N THR A 43 -12.19 9.69 18.28
CA THR A 43 -11.07 9.43 19.16
C THR A 43 -10.88 7.90 19.22
N PRO A 44 -9.64 7.41 19.00
CA PRO A 44 -9.42 5.97 18.92
C PRO A 44 -10.08 5.21 20.07
N ASN A 45 -10.85 4.18 19.71
CA ASN A 45 -11.57 3.34 20.64
C ASN A 45 -12.59 4.06 21.52
N LYS A 46 -13.07 5.21 21.05
CA LYS A 46 -14.17 5.91 21.70
C LYS A 46 -15.33 6.04 20.73
N HIS A 47 -16.53 5.77 21.21
CA HIS A 47 -17.73 5.96 20.42
C HIS A 47 -18.05 7.45 20.29
N ILE A 48 -19.05 7.76 19.46
CA ILE A 48 -19.47 9.13 19.25
C ILE A 48 -20.93 9.35 19.63
N ASP A 49 -21.84 8.71 18.91
CA ASP A 49 -23.25 8.98 19.11
C ASP A 49 -24.10 7.84 18.58
N LYS A 50 -25.41 8.00 18.68
CA LYS A 50 -26.30 6.94 18.23
C LYS A 50 -27.41 7.49 17.36
N ASP A 51 -27.18 8.67 16.77
CA ASP A 51 -28.13 9.23 15.80
C ASP A 51 -28.09 8.44 14.51
N LEU A 52 -29.21 8.36 13.82
CA LEU A 52 -29.20 7.87 12.44
C LEU A 52 -29.13 9.06 11.50
N TYR A 53 -27.99 9.21 10.82
CA TYR A 53 -27.78 10.32 9.90
C TYR A 53 -28.30 9.94 8.52
N VAL A 54 -28.88 10.91 7.82
CA VAL A 54 -29.45 10.67 6.50
C VAL A 54 -28.96 11.71 5.49
N PHE A 55 -28.35 11.23 4.42
CA PHE A 55 -27.85 12.07 3.37
C PHE A 55 -28.72 11.94 2.14
N ASP A 56 -29.32 13.05 1.72
CA ASP A 56 -30.17 13.06 0.54
C ASP A 56 -29.35 13.52 -0.66
N PHE A 57 -29.21 12.61 -1.63
CA PHE A 57 -28.40 12.80 -2.82
C PHE A 57 -28.93 13.87 -3.74
N ASN A 58 -30.23 14.11 -3.70
CA ASN A 58 -30.82 15.15 -4.55
C ASN A 58 -30.38 16.53 -4.10
N THR A 59 -30.47 16.79 -2.81
CA THR A 59 -30.02 18.06 -2.27
C THR A 59 -28.57 18.00 -1.80
N GLN A 60 -28.03 16.80 -1.78
CA GLN A 60 -26.69 16.54 -1.23
C GLN A 60 -26.54 17.16 0.16
N THR A 61 -27.54 16.93 1.02
CA THR A 61 -27.45 17.44 2.39
C THR A 61 -27.79 16.39 3.44
N TRP A 62 -27.40 16.66 4.68
CA TRP A 62 -27.59 15.76 5.82
C TRP A 62 -28.68 16.22 6.78
N SER A 63 -29.41 15.25 7.32
CA SER A 63 -30.36 15.49 8.41
C SER A 63 -30.28 14.32 9.36
N ILE A 64 -30.95 14.43 10.49
CA ILE A 64 -31.00 13.33 11.44
C ILE A 64 -32.42 12.75 11.46
N ALA A 65 -32.55 11.44 11.25
CA ALA A 65 -33.85 10.76 11.25
C ALA A 65 -34.55 10.69 12.61
N GLN A 66 -35.88 10.70 12.58
CA GLN A 66 -36.65 10.58 13.81
C GLN A 66 -36.50 9.21 14.43
N PRO A 67 -36.04 9.16 15.68
CA PRO A 67 -35.80 7.91 16.41
C PRO A 67 -37.08 7.33 17.01
N LYS A 68 -38.08 7.05 16.17
CA LYS A 68 -39.31 6.45 16.65
C LYS A 68 -39.14 4.95 16.87
N GLY A 69 -39.96 4.40 17.77
CA GLY A 69 -39.92 2.97 18.05
C GLY A 69 -38.81 2.56 18.99
N ASP A 70 -38.31 1.34 18.79
CA ASP A 70 -37.25 0.80 19.60
C ASP A 70 -35.91 1.33 19.05
N ALA A 71 -35.64 2.61 19.28
CA ALA A 71 -34.43 3.22 18.74
C ALA A 71 -33.20 2.59 19.40
N PRO A 72 -32.03 2.67 18.74
CA PRO A 72 -30.83 2.12 19.35
C PRO A 72 -30.54 2.78 20.69
N THR A 73 -30.00 2.00 21.61
CA THR A 73 -29.69 2.47 22.93
C THR A 73 -28.18 2.69 23.16
N VAL A 74 -27.35 2.12 22.28
CA VAL A 74 -25.89 2.20 22.41
C VAL A 74 -25.22 2.97 21.26
N SER A 75 -24.34 3.92 21.61
CA SER A 75 -23.47 4.56 20.63
C SER A 75 -22.35 3.58 20.24
N CYS A 76 -22.31 3.17 18.96
CA CYS A 76 -21.45 2.05 18.53
C CYS A 76 -20.26 2.41 17.64
N LEU A 77 -19.16 1.70 17.84
CA LEU A 77 -18.12 1.57 16.84
C LEU A 77 -18.11 0.12 16.39
N GLY A 78 -17.74 -0.16 15.14
CA GLY A 78 -17.63 -1.52 14.66
C GLY A 78 -18.98 -2.17 14.38
N VAL A 79 -20.00 -1.33 14.27
CA VAL A 79 -21.35 -1.76 13.94
C VAL A 79 -21.46 -1.83 12.42
N ARG A 80 -22.30 -2.72 11.89
CA ARG A 80 -22.52 -2.72 10.44
C ARG A 80 -24.00 -2.67 10.11
N MET A 81 -24.29 -2.33 8.84
CA MET A 81 -25.65 -2.02 8.39
C MET A 81 -25.90 -2.52 6.97
N VAL A 82 -27.08 -3.08 6.70
CA VAL A 82 -27.45 -3.40 5.32
C VAL A 82 -28.88 -2.99 5.03
N ALA A 83 -29.25 -2.91 3.76
CA ALA A 83 -30.61 -2.56 3.40
C ALA A 83 -31.28 -3.72 2.68
N VAL A 84 -32.53 -4.01 3.05
CA VAL A 84 -33.37 -4.91 2.25
C VAL A 84 -34.74 -4.24 2.12
N GLY A 85 -35.17 -4.05 0.87
CA GLY A 85 -36.41 -3.35 0.59
C GLY A 85 -36.34 -1.96 1.15
N THR A 86 -37.32 -1.59 1.96
CA THR A 86 -37.36 -0.26 2.53
C THR A 86 -36.80 -0.23 3.94
N LYS A 87 -36.28 -1.36 4.43
CA LYS A 87 -35.73 -1.35 5.77
C LYS A 87 -34.21 -1.43 5.74
N ILE A 88 -33.59 -0.81 6.74
CA ILE A 88 -32.18 -1.06 6.97
C ILE A 88 -32.05 -1.83 8.27
N TYR A 89 -31.01 -2.63 8.40
CA TYR A 89 -30.79 -3.51 9.52
C TYR A 89 -29.41 -3.26 10.08
N ILE A 90 -29.31 -2.99 11.39
CA ILE A 90 -28.01 -2.89 12.04
C ILE A 90 -27.77 -4.09 12.95
N PHE A 91 -26.52 -4.52 12.91
CA PHE A 91 -26.07 -5.65 13.74
C PHE A 91 -24.74 -5.26 14.42
N GLY A 92 -24.68 -5.56 15.72
CA GLY A 92 -23.46 -5.55 16.49
C GLY A 92 -22.91 -4.18 16.81
N GLY A 93 -21.60 -4.13 17.11
CA GLY A 93 -20.99 -2.89 17.54
C GLY A 93 -21.02 -2.77 19.05
N ARG A 94 -20.18 -1.88 19.59
CA ARG A 94 -20.10 -1.67 21.05
C ARG A 94 -19.79 -0.22 21.36
N ASP A 95 -20.06 0.21 22.59
CA ASP A 95 -19.55 1.51 23.00
C ASP A 95 -18.25 1.30 23.78
N GLU A 96 -17.65 2.41 24.21
CA GLU A 96 -16.38 2.38 24.94
C GLU A 96 -16.45 1.55 26.22
N ASN A 97 -17.63 1.48 26.83
CA ASN A 97 -17.80 0.79 28.10
C ASN A 97 -18.21 -0.66 27.89
N ARG A 98 -18.11 -1.08 26.64
CA ARG A 98 -18.41 -2.44 26.25
C ARG A 98 -19.87 -2.83 26.45
N ASN A 99 -20.77 -1.87 26.34
CA ASN A 99 -22.16 -2.20 26.01
C ASN A 99 -22.20 -2.58 24.53
N PHE A 100 -22.72 -3.76 24.21
CA PHE A 100 -22.82 -4.20 22.83
C PHE A 100 -24.25 -4.03 22.29
N GLU A 101 -24.38 -3.46 21.09
CA GLU A 101 -25.69 -3.29 20.46
C GLU A 101 -26.21 -4.66 19.99
N ASN A 102 -27.50 -4.76 19.69
CA ASN A 102 -28.10 -6.03 19.28
C ASN A 102 -28.50 -6.02 17.80
N PHE A 103 -29.65 -6.59 17.47
CA PHE A 103 -30.10 -6.63 16.07
C PHE A 103 -31.41 -5.88 15.92
N ARG A 104 -31.39 -4.85 15.08
CA ARG A 104 -32.55 -3.95 14.92
C ARG A 104 -32.78 -3.56 13.47
N SER A 105 -34.02 -3.21 13.13
CA SER A 105 -34.33 -2.63 11.82
C SER A 105 -34.96 -1.24 11.96
N TYR A 106 -34.69 -0.41 10.97
CA TYR A 106 -35.30 0.89 10.83
C TYR A 106 -36.03 0.94 9.51
N ASP A 107 -37.30 1.34 9.53
CA ASP A 107 -38.06 1.46 8.29
C ASP A 107 -37.97 2.86 7.75
N THR A 108 -37.45 3.00 6.53
CA THR A 108 -37.24 4.33 5.96
C THR A 108 -38.53 5.07 5.65
N VAL A 109 -39.63 4.37 5.43
CA VAL A 109 -40.92 5.02 5.19
C VAL A 109 -41.62 5.50 6.46
N THR A 110 -41.72 4.64 7.46
CA THR A 110 -42.42 5.01 8.67
C THR A 110 -41.47 5.68 9.65
N SER A 111 -40.17 5.59 9.38
CA SER A 111 -39.14 6.09 10.28
C SER A 111 -39.20 5.42 11.65
N GLU A 112 -39.47 4.12 11.67
CA GLU A 112 -39.63 3.43 12.92
C GLU A 112 -38.61 2.30 13.07
N TRP A 113 -38.06 2.22 14.28
CA TRP A 113 -37.13 1.17 14.66
C TRP A 113 -37.86 -0.01 15.31
N THR A 114 -37.41 -1.22 15.00
CA THR A 114 -37.90 -2.44 15.65
C THR A 114 -36.74 -3.25 16.23
N PHE A 115 -36.87 -3.65 17.49
CA PHE A 115 -35.90 -4.56 18.09
C PHE A 115 -36.21 -5.93 17.52
N LEU A 116 -35.22 -6.58 16.94
CA LEU A 116 -35.47 -7.86 16.26
C LEU A 116 -34.85 -9.05 16.98
N THR A 117 -33.60 -8.90 17.40
CA THR A 117 -32.98 -10.02 18.08
C THR A 117 -32.01 -9.57 19.14
N LYS A 118 -32.10 -10.19 20.31
CA LYS A 118 -31.10 -9.98 21.35
C LYS A 118 -29.93 -10.94 21.13
N LEU A 119 -28.73 -10.37 21.04
CA LEU A 119 -27.55 -11.17 20.75
C LEU A 119 -26.97 -11.77 22.01
N ASP A 120 -26.08 -12.74 21.84
CA ASP A 120 -25.38 -13.38 22.95
C ASP A 120 -26.33 -14.13 23.88
N GLU A 121 -27.44 -14.60 23.31
CA GLU A 121 -28.32 -15.56 23.95
C GLU A 121 -27.91 -16.98 23.59
N VAL A 122 -28.46 -17.96 24.32
CA VAL A 122 -28.22 -19.36 24.04
C VAL A 122 -28.80 -19.77 22.69
N GLY A 123 -27.98 -20.39 21.85
CA GLY A 123 -28.43 -20.81 20.53
C GLY A 123 -28.70 -19.69 19.55
N GLY A 124 -28.29 -18.47 19.92
CA GLY A 124 -28.50 -17.30 19.08
C GLY A 124 -27.17 -16.72 18.66
N PRO A 125 -27.20 -15.76 17.72
CA PRO A 125 -25.95 -15.19 17.21
C PRO A 125 -25.25 -14.36 18.28
N GLU A 126 -23.93 -14.51 18.38
CA GLU A 126 -23.17 -13.78 19.39
C GLU A 126 -23.01 -12.31 19.04
N ALA A 127 -22.98 -11.48 20.08
CA ALA A 127 -22.63 -10.08 19.93
C ALA A 127 -21.19 -9.95 19.42
N ARG A 128 -20.87 -8.80 18.85
CA ARG A 128 -19.81 -8.76 17.86
C ARG A 128 -19.32 -7.37 17.52
N THR A 129 -18.07 -7.25 17.15
CA THR A 129 -17.62 -5.97 16.62
C THR A 129 -16.82 -6.28 15.33
N PHE A 130 -16.94 -5.44 14.31
CA PHE A 130 -16.12 -5.54 13.09
C PHE A 130 -16.34 -6.84 12.32
N HIS A 131 -17.55 -7.32 12.44
CA HIS A 131 -18.06 -8.34 11.55
C HIS A 131 -18.31 -7.73 10.18
N SER A 132 -18.87 -8.53 9.28
CA SER A 132 -19.26 -8.03 7.98
C SER A 132 -20.68 -8.46 7.68
N MET A 133 -21.38 -7.69 6.87
CA MET A 133 -22.77 -8.02 6.58
C MET A 133 -23.02 -8.06 5.08
N ALA A 134 -23.96 -8.92 4.69
CA ALA A 134 -24.43 -8.99 3.32
C ALA A 134 -25.93 -9.26 3.37
N SER A 135 -26.59 -9.30 2.22
CA SER A 135 -28.02 -9.58 2.21
C SER A 135 -28.51 -10.02 0.85
N ASP A 136 -29.67 -10.67 0.86
CA ASP A 136 -30.46 -10.89 -0.35
C ASP A 136 -31.92 -10.59 -0.01
N GLU A 137 -32.80 -10.89 -0.96
CA GLU A 137 -34.21 -10.48 -0.93
C GLU A 137 -34.92 -10.86 0.38
N ASN A 138 -34.52 -11.96 0.99
CA ASN A 138 -35.13 -12.39 2.23
C ASN A 138 -34.12 -12.72 3.33
N HIS A 139 -32.85 -12.34 3.17
CA HIS A 139 -31.91 -12.67 4.23
C HIS A 139 -30.96 -11.51 4.56
N VAL A 140 -30.64 -11.42 5.84
CA VAL A 140 -29.52 -10.62 6.31
C VAL A 140 -28.46 -11.60 6.74
N TYR A 141 -27.23 -11.43 6.27
CA TYR A 141 -26.14 -12.32 6.61
C TYR A 141 -25.04 -11.62 7.42
N VAL A 142 -24.51 -12.31 8.41
CA VAL A 142 -23.42 -11.80 9.23
C VAL A 142 -22.22 -12.76 9.19
N PHE A 143 -21.05 -12.24 8.84
CA PHE A 143 -19.84 -13.06 8.82
C PHE A 143 -18.76 -12.51 9.76
N GLY A 144 -18.08 -13.44 10.42
CA GLY A 144 -16.87 -13.13 11.17
C GLY A 144 -17.03 -12.13 12.27
N GLY A 145 -15.99 -11.34 12.51
CA GLY A 145 -16.00 -10.35 13.55
C GLY A 145 -15.28 -10.82 14.79
N VAL A 146 -15.26 -9.94 15.78
CA VAL A 146 -14.58 -10.15 17.04
C VAL A 146 -15.64 -10.22 18.14
N SER A 147 -15.70 -11.34 18.84
CA SER A 147 -16.73 -11.55 19.86
C SER A 147 -16.58 -10.69 21.12
N LYS A 148 -17.66 -10.62 21.89
CA LYS A 148 -17.62 -9.94 23.19
C LYS A 148 -16.58 -10.56 24.17
N GLY A 149 -16.53 -11.88 24.39
CA GLY A 149 -17.57 -12.85 24.10
C GLY A 149 -17.07 -14.28 23.92
N GLY A 150 -17.34 -15.12 24.91
CA GLY A 150 -17.77 -14.65 26.21
C GLY A 150 -18.58 -15.61 27.06
N THR A 151 -18.76 -15.24 28.33
CA THR A 151 -17.99 -14.14 28.93
C THR A 151 -16.58 -14.59 29.32
N MET A 152 -16.41 -15.89 29.55
CA MET A 152 -15.11 -16.44 29.92
C MET A 152 -14.48 -17.35 28.87
N ASN A 153 -14.88 -17.15 27.63
CA ASN A 153 -14.06 -17.48 26.49
C ASN A 153 -13.54 -16.15 25.97
N THR A 154 -12.23 -16.04 25.77
CA THR A 154 -11.59 -14.74 25.50
C THR A 154 -12.22 -14.20 24.21
N PRO A 155 -12.07 -12.88 23.93
CA PRO A 155 -12.63 -12.50 22.62
C PRO A 155 -11.97 -13.24 21.46
N THR A 156 -12.78 -13.92 20.67
CA THR A 156 -12.30 -14.71 19.54
C THR A 156 -12.96 -14.23 18.25
N ARG A 157 -12.35 -14.55 17.12
CA ARG A 157 -12.97 -14.27 15.84
C ARG A 157 -13.89 -15.40 15.37
N PHE A 158 -14.75 -15.12 14.39
CA PHE A 158 -15.64 -16.13 13.83
C PHE A 158 -15.26 -16.52 12.40
N ARG A 159 -15.47 -17.78 12.06
CA ARG A 159 -15.28 -18.25 10.69
C ARG A 159 -16.61 -18.65 10.05
N THR A 160 -17.71 -18.46 10.79
CA THR A 160 -19.02 -18.92 10.35
C THR A 160 -19.91 -17.78 9.86
N ILE A 161 -20.96 -18.15 9.13
CA ILE A 161 -22.00 -17.21 8.74
C ILE A 161 -23.31 -17.45 9.50
N GLU A 162 -23.89 -16.37 10.00
CA GLU A 162 -25.23 -16.40 10.59
C GLU A 162 -26.24 -15.83 9.60
N ALA A 163 -27.31 -16.59 9.35
CA ALA A 163 -28.33 -16.20 8.37
C ALA A 163 -29.65 -15.86 9.04
N TYR A 164 -30.10 -14.64 8.81
CA TYR A 164 -31.39 -14.19 9.32
C TYR A 164 -32.40 -14.21 8.19
N ASN A 165 -33.40 -15.07 8.37
CA ASN A 165 -34.54 -15.15 7.48
C ASN A 165 -35.52 -14.11 7.93
N ILE A 166 -35.72 -13.13 7.06
CA ILE A 166 -36.52 -11.96 7.36
C ILE A 166 -38.00 -12.30 7.52
N ALA A 167 -38.55 -13.09 6.61
CA ALA A 167 -39.97 -13.45 6.67
C ALA A 167 -40.27 -14.28 7.93
N ASP A 168 -39.36 -15.20 8.25
CA ASP A 168 -39.49 -16.06 9.44
C ASP A 168 -39.15 -15.34 10.72
N GLY A 169 -38.45 -14.22 10.61
CA GLY A 169 -37.86 -13.57 11.76
C GLY A 169 -36.94 -14.51 12.53
N LYS A 170 -36.18 -15.36 11.84
CA LYS A 170 -35.34 -16.31 12.58
C LYS A 170 -33.90 -16.40 12.08
N TRP A 171 -32.99 -16.55 13.03
CA TRP A 171 -31.58 -16.78 12.75
C TRP A 171 -31.27 -18.27 12.68
N ALA A 172 -30.39 -18.65 11.77
CA ALA A 172 -29.82 -19.99 11.76
C ALA A 172 -28.39 -19.88 11.27
N GLN A 173 -27.46 -20.53 11.95
CA GLN A 173 -26.09 -20.57 11.47
C GLN A 173 -25.92 -21.48 10.25
N LEU A 174 -25.32 -20.96 9.19
CA LEU A 174 -25.00 -21.77 8.01
C LEU A 174 -23.87 -22.76 8.38
N PRO A 175 -23.67 -23.82 7.58
CA PRO A 175 -22.63 -24.82 7.88
C PRO A 175 -21.22 -24.25 8.09
N ASP A 176 -20.55 -24.73 9.11
CA ASP A 176 -19.21 -24.30 9.50
C ASP A 176 -18.17 -24.78 8.49
N PRO A 177 -17.43 -23.85 7.87
CA PRO A 177 -16.47 -24.29 6.84
C PRO A 177 -15.33 -25.13 7.38
N GLY A 178 -15.10 -25.08 8.68
CA GLY A 178 -14.13 -25.96 9.30
C GLY A 178 -12.74 -25.40 9.54
N ASP A 179 -11.87 -26.32 9.96
CA ASP A 179 -10.56 -26.09 10.54
C ASP A 179 -9.59 -25.36 9.59
N ASN A 180 -9.83 -25.45 8.29
CA ASN A 180 -8.92 -24.84 7.32
C ASN A 180 -9.34 -23.44 6.88
N PHE A 181 -10.36 -22.91 7.52
CA PHE A 181 -10.82 -21.55 7.26
C PHE A 181 -10.48 -20.65 8.42
N GLU A 182 -9.93 -19.49 8.10
CA GLU A 182 -9.54 -18.51 9.11
C GLU A 182 -10.75 -17.84 9.76
N LYS A 183 -10.73 -17.78 11.07
CA LYS A 183 -11.60 -16.90 11.81
C LYS A 183 -11.11 -15.49 11.53
N ARG A 184 -12.00 -14.63 11.04
CA ARG A 184 -11.58 -13.32 10.56
C ARG A 184 -12.50 -12.20 10.99
N GLY A 185 -11.89 -11.03 11.16
CA GLY A 185 -12.61 -9.78 11.30
C GLY A 185 -12.22 -8.87 10.14
N GLY A 186 -12.99 -7.81 9.94
CA GLY A 186 -12.70 -6.84 8.89
C GLY A 186 -12.67 -7.38 7.48
N ALA A 187 -13.48 -8.41 7.22
CA ALA A 187 -13.47 -9.12 5.94
C ALA A 187 -14.42 -8.56 4.88
N GLY A 188 -14.05 -8.74 3.61
CA GLY A 188 -14.95 -8.51 2.51
C GLY A 188 -16.01 -9.60 2.54
N PHE A 189 -17.26 -9.23 2.27
CA PHE A 189 -18.36 -10.17 2.42
C PHE A 189 -19.51 -9.73 1.53
N ALA A 190 -20.01 -10.65 0.70
CA ALA A 190 -20.99 -10.23 -0.30
C ALA A 190 -21.82 -11.34 -0.89
N VAL A 191 -23.07 -11.06 -1.21
CA VAL A 191 -23.84 -12.01 -1.99
C VAL A 191 -23.65 -11.69 -3.48
N VAL A 192 -23.13 -12.64 -4.25
CA VAL A 192 -22.97 -12.48 -5.70
C VAL A 192 -23.65 -13.63 -6.44
N GLN A 193 -24.68 -13.28 -7.21
CA GLN A 193 -25.40 -14.24 -8.06
C GLN A 193 -25.72 -15.54 -7.32
N GLY A 194 -26.32 -15.41 -6.14
CA GLY A 194 -26.78 -16.55 -5.39
C GLY A 194 -25.75 -17.26 -4.53
N LYS A 195 -24.49 -16.82 -4.56
CA LYS A 195 -23.50 -17.46 -3.67
C LYS A 195 -22.94 -16.42 -2.72
N ILE A 196 -22.43 -16.86 -1.58
CA ILE A 196 -21.98 -15.91 -0.57
C ILE A 196 -20.46 -15.91 -0.47
N TRP A 197 -19.86 -14.78 -0.85
CA TRP A 197 -18.40 -14.68 -0.89
C TRP A 197 -17.76 -14.03 0.36
N VAL A 198 -16.70 -14.67 0.81
CA VAL A 198 -15.82 -14.16 1.84
C VAL A 198 -14.45 -13.83 1.23
N VAL A 199 -14.03 -12.58 1.37
CA VAL A 199 -12.81 -12.07 0.72
C VAL A 199 -11.87 -11.43 1.72
N TYR A 200 -10.74 -12.08 1.98
CA TYR A 200 -9.65 -11.53 2.79
C TYR A 200 -10.04 -11.30 4.26
N GLY A 201 -9.56 -10.21 4.87
CA GLY A 201 -9.84 -9.93 6.27
C GLY A 201 -8.66 -10.04 7.20
N PHE A 202 -8.90 -9.94 8.50
CA PHE A 202 -7.84 -10.07 9.49
C PHE A 202 -8.07 -11.36 10.28
N ALA A 203 -7.12 -12.28 10.17
CA ALA A 203 -7.27 -13.66 10.65
C ALA A 203 -6.47 -13.99 11.91
N THR A 204 -7.06 -14.79 12.79
CA THR A 204 -6.29 -15.47 13.83
C THR A 204 -5.56 -16.66 13.22
N SER A 205 -4.33 -16.89 13.71
CA SER A 205 -3.45 -18.07 13.51
C SER A 205 -2.12 -17.70 12.87
N ASP A 212 1.09 -12.01 15.56
CA ASP A 212 1.01 -13.23 14.80
C ASP A 212 -0.35 -13.37 14.06
N ASP A 213 -1.38 -12.66 14.55
CA ASP A 213 -2.61 -12.50 13.78
C ASP A 213 -2.26 -11.66 12.57
N TYR A 214 -2.88 -11.92 11.42
CA TYR A 214 -2.33 -11.38 10.18
C TYR A 214 -3.39 -11.08 9.14
N GLU A 215 -3.05 -10.19 8.21
CA GLU A 215 -3.89 -9.94 7.04
C GLU A 215 -3.97 -11.20 6.20
N SER A 216 -5.18 -11.53 5.75
CA SER A 216 -5.44 -12.71 4.95
C SER A 216 -5.72 -12.36 3.48
N ASN A 217 -5.31 -13.23 2.56
CA ASN A 217 -5.73 -13.05 1.18
C ASN A 217 -6.62 -14.22 0.74
N ALA A 218 -7.19 -14.91 1.73
CA ALA A 218 -8.02 -16.07 1.46
C ALA A 218 -9.36 -15.64 0.87
N VAL A 219 -9.81 -16.38 -0.13
CA VAL A 219 -11.08 -16.13 -0.80
C VAL A 219 -11.90 -17.40 -0.88
N GLN A 220 -13.16 -17.33 -0.44
CA GLN A 220 -14.04 -18.48 -0.49
C GLN A 220 -15.46 -18.10 -0.88
N PHE A 221 -16.25 -19.09 -1.29
CA PHE A 221 -17.69 -18.86 -1.35
C PHE A 221 -18.46 -20.02 -0.72
N TYR A 222 -19.64 -19.72 -0.23
CA TYR A 222 -20.57 -20.71 0.26
C TYR A 222 -21.67 -20.80 -0.76
N ASP A 223 -22.01 -22.04 -1.12
CA ASP A 223 -23.03 -22.31 -2.11
C ASP A 223 -24.24 -22.95 -1.42
N PRO A 224 -25.35 -22.20 -1.33
CA PRO A 224 -26.60 -22.60 -0.71
C PRO A 224 -27.22 -23.80 -1.41
N ALA A 225 -27.06 -23.87 -2.73
CA ALA A 225 -27.60 -24.99 -3.50
C ALA A 225 -27.02 -26.33 -3.05
N SER A 226 -25.72 -26.35 -2.79
CA SER A 226 -25.04 -27.54 -2.32
C SER A 226 -24.78 -27.52 -0.82
N LYS A 227 -25.12 -26.41 -0.17
CA LYS A 227 -24.83 -26.18 1.24
C LYS A 227 -23.37 -26.43 1.57
N LYS A 228 -22.47 -26.11 0.65
CA LYS A 228 -21.06 -26.31 0.97
C LYS A 228 -20.12 -25.21 0.50
N TRP A 229 -18.94 -25.20 1.14
CA TRP A 229 -17.91 -24.17 0.92
C TRP A 229 -16.87 -24.55 -0.13
N THR A 230 -16.48 -23.59 -0.95
CA THR A 230 -15.37 -23.77 -1.86
C THR A 230 -14.28 -22.72 -1.58
N GLU A 231 -13.05 -23.18 -1.41
CA GLU A 231 -11.89 -22.31 -1.29
C GLU A 231 -11.36 -22.06 -2.69
N VAL A 232 -11.15 -20.79 -3.03
CA VAL A 232 -10.93 -20.35 -4.40
C VAL A 232 -9.54 -19.77 -4.64
N GLU A 233 -8.90 -20.16 -5.75
CA GLU A 233 -7.62 -19.57 -6.14
C GLU A 233 -7.82 -18.50 -7.20
N THR A 234 -7.56 -17.25 -6.84
CA THR A 234 -7.80 -16.14 -7.73
C THR A 234 -6.54 -15.67 -8.44
N THR A 235 -6.70 -15.06 -9.61
CA THR A 235 -5.55 -14.65 -10.41
C THR A 235 -5.68 -13.20 -10.84
N GLY A 236 -4.85 -12.79 -11.79
CA GLY A 236 -4.87 -11.42 -12.27
C GLY A 236 -4.11 -10.45 -11.38
N ALA A 237 -4.57 -9.20 -11.33
CA ALA A 237 -3.90 -8.17 -10.55
C ALA A 237 -4.33 -8.28 -9.10
N LYS A 238 -3.90 -9.35 -8.45
CA LYS A 238 -4.39 -9.73 -7.16
C LYS A 238 -3.75 -8.92 -6.04
N PRO A 239 -4.58 -8.22 -5.23
CA PRO A 239 -4.02 -7.40 -4.17
C PRO A 239 -3.39 -8.24 -3.07
N SER A 240 -2.32 -7.73 -2.46
CA SER A 240 -1.78 -8.35 -1.27
C SER A 240 -2.86 -8.37 -0.19
N ALA A 241 -2.70 -9.25 0.78
CA ALA A 241 -3.65 -9.40 1.88
C ALA A 241 -3.98 -8.06 2.60
N ARG A 242 -5.24 -7.91 2.99
CA ARG A 242 -5.72 -6.70 3.67
C ARG A 242 -7.09 -6.87 4.34
N SER A 243 -7.47 -5.87 5.12
CA SER A 243 -8.72 -5.95 5.85
C SER A 243 -9.30 -4.57 5.96
N VAL A 244 -10.48 -4.49 6.59
CA VAL A 244 -11.25 -3.26 6.76
C VAL A 244 -11.18 -2.36 5.52
N PHE A 245 -11.50 -2.95 4.38
CA PHE A 245 -11.53 -2.18 3.15
C PHE A 245 -12.96 -1.88 2.74
N ALA A 246 -13.16 -0.77 2.04
CA ALA A 246 -14.47 -0.52 1.46
C ALA A 246 -14.75 -1.59 0.40
N HIS A 247 -15.98 -2.07 0.32
CA HIS A 247 -16.31 -3.04 -0.71
C HIS A 247 -17.79 -3.08 -1.02
N ALA A 248 -18.11 -3.49 -2.24
CA ALA A 248 -19.51 -3.59 -2.68
C ALA A 248 -19.63 -4.49 -3.89
N VAL A 249 -20.84 -5.03 -4.12
CA VAL A 249 -21.11 -5.86 -5.30
C VAL A 249 -21.71 -5.01 -6.40
N VAL A 250 -21.16 -5.15 -7.60
CA VAL A 250 -21.82 -4.65 -8.80
C VAL A 250 -21.79 -5.77 -9.83
N GLY A 251 -22.95 -6.31 -10.16
CA GLY A 251 -23.05 -7.44 -11.05
C GLY A 251 -22.30 -8.66 -10.55
N LYS A 252 -21.41 -9.15 -11.38
CA LYS A 252 -20.55 -10.29 -11.05
C LYS A 252 -19.28 -9.87 -10.31
N TYR A 253 -19.11 -8.56 -10.15
CA TYR A 253 -17.89 -7.99 -9.57
C TYR A 253 -17.99 -7.69 -8.08
N ILE A 254 -16.99 -8.14 -7.31
CA ILE A 254 -16.76 -7.60 -5.98
C ILE A 254 -15.70 -6.50 -6.06
N ILE A 255 -16.09 -5.27 -5.80
CA ILE A 255 -15.20 -4.11 -5.87
C ILE A 255 -14.68 -3.74 -4.47
N ILE A 256 -13.36 -3.60 -4.33
CA ILE A 256 -12.76 -3.18 -3.06
C ILE A 256 -11.87 -1.94 -3.23
N PHE A 257 -11.80 -1.13 -2.17
CA PHE A 257 -10.89 -0.01 -2.16
C PHE A 257 -10.30 0.23 -0.78
N ALA A 258 -9.01 0.56 -0.80
CA ALA A 258 -8.21 0.93 0.35
C ALA A 258 -8.06 -0.21 1.35
N GLY A 259 -7.92 0.13 2.64
CA GLY A 259 -7.83 -0.88 3.68
C GLY A 259 -6.51 -0.95 4.42
N GLU A 260 -6.44 -1.84 5.41
CA GLU A 260 -5.23 -2.05 6.18
C GLU A 260 -4.44 -3.23 5.60
N VAL A 261 -3.25 -2.90 5.10
CA VAL A 261 -2.29 -3.83 4.49
C VAL A 261 -1.33 -4.44 5.54
N TRP A 262 -1.14 -3.72 6.64
CA TRP A 262 -0.38 -4.25 7.77
C TRP A 262 -0.93 -3.63 9.04
N PRO A 263 -1.11 -4.44 10.09
CA PRO A 263 -1.73 -3.98 11.34
C PRO A 263 -0.81 -3.03 12.11
N ASP A 264 -1.41 -2.22 12.99
CA ASP A 264 -0.64 -1.31 13.84
C ASP A 264 -0.04 -2.05 15.02
N LEU A 265 1.13 -1.61 15.50
CA LEU A 265 1.71 -2.21 16.71
C LEU A 265 0.80 -2.04 17.92
N ASN A 266 -0.10 -1.06 17.89
CA ASN A 266 -1.00 -0.85 19.03
C ASN A 266 -2.49 -1.12 18.74
N GLY A 267 -2.80 -2.21 18.01
CA GLY A 267 -4.18 -2.57 17.72
C GLY A 267 -4.90 -1.47 16.94
N HIS A 268 -6.05 -1.05 17.42
CA HIS A 268 -6.86 -0.10 16.68
C HIS A 268 -6.46 1.36 17.08
N TYR A 269 -5.52 1.52 18.02
CA TYR A 269 -5.10 2.87 18.48
C TYR A 269 -4.29 3.65 17.45
N GLY A 270 -3.40 2.96 16.76
CA GLY A 270 -2.66 3.57 15.68
C GLY A 270 -3.27 3.26 14.32
N PRO A 271 -2.76 3.92 13.27
CA PRO A 271 -3.31 3.80 11.91
C PRO A 271 -2.83 2.54 11.18
N GLY A 272 -1.73 1.94 11.62
CA GLY A 272 -1.17 0.84 10.88
C GLY A 272 -0.78 1.29 9.49
N THR A 273 -0.73 0.34 8.56
CA THR A 273 -0.34 0.62 7.20
C THR A 273 -1.55 0.54 6.28
N LEU A 274 -1.92 1.67 5.67
CA LEU A 274 -3.14 1.75 4.87
C LEU A 274 -2.85 1.79 3.37
N SER A 275 -3.90 1.63 2.58
CA SER A 275 -3.76 1.58 1.12
C SER A 275 -4.58 2.69 0.45
N ASN A 276 -4.17 3.09 -0.75
CA ASN A 276 -4.97 4.03 -1.53
C ASN A 276 -5.31 3.50 -2.93
N GLU A 277 -5.47 2.18 -3.02
CA GLU A 277 -5.69 1.52 -4.28
C GLU A 277 -6.91 0.61 -4.27
N GLY A 278 -7.55 0.49 -5.43
CA GLY A 278 -8.74 -0.33 -5.55
C GLY A 278 -8.58 -1.47 -6.53
N TYR A 279 -9.38 -2.51 -6.34
CA TYR A 279 -9.36 -3.72 -7.15
C TYR A 279 -10.76 -4.25 -7.32
N ALA A 280 -10.97 -5.06 -8.35
CA ALA A 280 -12.26 -5.66 -8.60
C ALA A 280 -12.07 -7.12 -8.93
N LEU A 281 -12.80 -8.00 -8.24
CA LEU A 281 -12.73 -9.42 -8.53
C LEU A 281 -13.93 -9.83 -9.40
N ASP A 282 -13.64 -10.40 -10.57
CA ASP A 282 -14.68 -11.01 -11.42
C ASP A 282 -14.97 -12.39 -10.84
N THR A 283 -16.12 -12.56 -10.18
CA THR A 283 -16.41 -13.83 -9.52
C THR A 283 -16.69 -14.96 -10.50
N GLU A 284 -16.96 -14.63 -11.76
CA GLU A 284 -17.14 -15.68 -12.75
C GLU A 284 -15.81 -16.29 -13.19
N THR A 285 -14.80 -15.44 -13.38
CA THR A 285 -13.52 -15.90 -13.91
C THR A 285 -12.44 -16.05 -12.83
N LEU A 286 -12.73 -15.54 -11.63
CA LEU A 286 -11.77 -15.52 -10.53
C LEU A 286 -10.56 -14.65 -10.85
N VAL A 287 -10.72 -13.71 -11.79
CA VAL A 287 -9.66 -12.78 -12.15
C VAL A 287 -9.83 -11.43 -11.46
N TRP A 288 -8.77 -10.97 -10.80
CA TRP A 288 -8.70 -9.61 -10.27
C TRP A 288 -8.22 -8.64 -11.33
N GLU A 289 -8.79 -7.45 -11.31
CA GLU A 289 -8.22 -6.37 -12.09
C GLU A 289 -8.11 -5.14 -11.20
N LYS A 290 -7.20 -4.26 -11.53
CA LYS A 290 -6.92 -3.08 -10.71
C LYS A 290 -7.78 -1.93 -11.17
N LEU A 291 -8.45 -1.25 -10.25
CA LEU A 291 -9.26 -0.09 -10.62
C LEU A 291 -8.38 1.06 -11.05
N GLY A 292 -8.90 1.88 -11.94
CA GLY A 292 -8.20 3.04 -12.44
C GLY A 292 -8.08 4.14 -11.41
N GLU A 293 -7.03 4.93 -11.56
CA GLU A 293 -6.69 5.97 -10.61
C GLU A 293 -7.54 7.23 -10.74
N GLU A 294 -8.26 7.34 -11.84
CA GLU A 294 -8.87 8.63 -12.14
C GLU A 294 -9.95 8.98 -11.11
N GLY A 295 -9.74 10.12 -10.47
CA GLY A 295 -10.59 10.62 -9.40
C GLY A 295 -10.34 10.01 -8.03
N ALA A 296 -9.47 9.01 -7.94
CA ALA A 296 -9.30 8.30 -6.67
C ALA A 296 -8.73 9.19 -5.55
N PRO A 297 -9.26 9.03 -4.34
CA PRO A 297 -8.69 9.76 -3.19
C PRO A 297 -7.23 9.38 -2.98
N ALA A 298 -6.34 10.37 -2.90
CA ALA A 298 -4.89 10.15 -2.80
C ALA A 298 -4.44 9.56 -1.46
N ILE A 299 -4.84 10.20 -0.36
CA ILE A 299 -4.42 9.78 0.97
C ILE A 299 -4.94 8.38 1.29
N PRO A 300 -4.04 7.44 1.63
CA PRO A 300 -4.49 6.11 2.02
C PRO A 300 -5.51 6.12 3.18
N ARG A 301 -6.41 5.16 3.20
CA ARG A 301 -7.42 5.11 4.26
C ARG A 301 -7.81 3.68 4.55
N GLY A 302 -8.56 3.49 5.63
CA GLY A 302 -9.07 2.19 5.99
C GLY A 302 -10.17 2.43 6.99
N TRP A 303 -10.92 1.38 7.34
CA TRP A 303 -11.98 1.49 8.33
C TRP A 303 -13.08 2.46 7.91
N THR A 304 -13.23 2.67 6.60
CA THR A 304 -14.35 3.46 6.11
C THR A 304 -15.67 2.71 6.28
N ALA A 305 -16.76 3.44 6.13
CA ALA A 305 -18.06 2.84 5.89
C ALA A 305 -18.21 2.66 4.37
N TYR A 306 -19.02 1.71 3.94
CA TYR A 306 -19.13 1.35 2.52
C TYR A 306 -20.50 0.76 2.24
N THR A 307 -20.99 0.93 1.02
CA THR A 307 -22.21 0.24 0.59
C THR A 307 -22.37 0.27 -0.93
N ALA A 308 -23.09 -0.70 -1.49
CA ALA A 308 -23.49 -0.59 -2.89
C ALA A 308 -24.51 0.53 -2.99
N ALA A 309 -24.41 1.35 -4.03
CA ALA A 309 -25.38 2.43 -4.19
C ALA A 309 -25.62 2.77 -5.65
N THR A 310 -26.72 3.46 -5.92
CA THR A 310 -27.00 4.01 -7.23
C THR A 310 -27.12 5.50 -7.11
N VAL A 311 -26.24 6.21 -7.81
CA VAL A 311 -26.18 7.65 -7.74
C VAL A 311 -26.13 8.24 -9.15
N ASP A 312 -26.95 9.26 -9.40
CA ASP A 312 -27.06 9.92 -10.72
C ASP A 312 -27.12 8.90 -11.85
N GLY A 313 -27.84 7.81 -11.63
CA GLY A 313 -28.06 6.79 -12.64
C GLY A 313 -27.11 5.61 -12.68
N LYS A 314 -26.02 5.65 -11.90
CA LYS A 314 -25.02 4.58 -12.00
C LYS A 314 -24.90 3.76 -10.73
N ASN A 315 -24.71 2.46 -10.91
CA ASN A 315 -24.39 1.57 -9.81
C ASN A 315 -22.93 1.74 -9.42
N GLY A 316 -22.60 1.41 -8.18
CA GLY A 316 -21.21 1.45 -7.78
C GLY A 316 -20.96 1.41 -6.30
N LEU A 317 -19.73 1.74 -5.92
CA LEU A 317 -19.28 1.62 -4.55
C LEU A 317 -19.30 2.97 -3.87
N LEU A 318 -20.05 3.08 -2.79
CA LEU A 318 -20.11 4.30 -2.03
C LEU A 318 -19.28 4.13 -0.77
N MET A 319 -18.42 5.11 -0.52
CA MET A 319 -17.44 5.00 0.58
C MET A 319 -17.46 6.28 1.41
N HIS A 320 -17.55 6.15 2.72
CA HIS A 320 -17.58 7.31 3.59
C HIS A 320 -16.63 7.21 4.79
N GLY A 321 -15.93 8.30 5.09
CA GLY A 321 -15.10 8.40 6.26
C GLY A 321 -13.93 7.43 6.24
N GLY A 322 -13.50 7.00 7.41
CA GLY A 322 -12.31 6.16 7.53
C GLY A 322 -11.25 6.86 8.34
N LYS A 323 -10.16 6.16 8.62
CA LYS A 323 -9.01 6.78 9.28
C LYS A 323 -7.89 6.93 8.26
N LEU A 324 -7.01 7.89 8.51
CA LEU A 324 -5.93 8.24 7.59
C LEU A 324 -4.59 7.85 8.22
N PRO A 325 -3.48 7.87 7.44
CA PRO A 325 -2.20 7.48 8.05
C PRO A 325 -1.78 8.39 9.20
N THR A 326 -2.33 9.61 9.23
CA THR A 326 -2.03 10.54 10.33
C THR A 326 -2.82 10.18 11.59
N ASN A 327 -3.63 9.13 11.46
CA ASN A 327 -4.57 8.65 12.48
C ASN A 327 -5.77 9.56 12.59
N GLU A 328 -5.81 10.61 11.78
CA GLU A 328 -7.00 11.42 11.72
C GLU A 328 -8.13 10.66 11.06
N ARG A 329 -9.35 11.11 11.32
CA ARG A 329 -10.51 10.62 10.60
C ARG A 329 -10.81 11.60 9.48
N THR A 330 -11.61 11.16 8.53
CA THR A 330 -12.06 12.02 7.45
C THR A 330 -13.58 11.88 7.32
N ASP A 331 -14.23 12.86 6.68
CA ASP A 331 -15.66 12.78 6.40
C ASP A 331 -15.89 12.67 4.89
N ASP A 332 -14.81 12.38 4.16
CA ASP A 332 -14.86 12.23 2.70
C ASP A 332 -15.94 11.25 2.28
N LEU A 333 -16.74 11.65 1.30
CA LEU A 333 -17.71 10.77 0.68
C LEU A 333 -17.37 10.59 -0.80
N TYR A 334 -17.04 9.37 -1.20
CA TYR A 334 -16.60 9.08 -2.55
C TYR A 334 -17.49 8.01 -3.18
N PHE A 335 -17.65 8.07 -4.50
CA PHE A 335 -18.45 7.09 -5.20
C PHE A 335 -17.70 6.60 -6.43
N TYR A 336 -17.47 5.29 -6.51
CA TYR A 336 -16.92 4.71 -7.71
C TYR A 336 -18.08 4.23 -8.60
N ALA A 337 -18.33 5.03 -9.64
CA ALA A 337 -19.43 4.84 -10.57
C ALA A 337 -19.01 3.90 -11.68
N VAL A 338 -19.75 2.81 -11.79
CA VAL A 338 -19.54 1.78 -12.79
C VAL A 338 -20.37 1.97 -14.06
N ASN A 339 -19.72 1.91 -15.23
CA ASN A 339 -20.43 1.90 -16.50
C ASN A 339 -21.08 0.55 -16.78
N THR B 4 4.44 -12.64 -21.70
CA THR B 4 4.18 -12.05 -20.38
C THR B 4 5.28 -12.43 -19.39
N LEU B 5 5.56 -11.54 -18.45
CA LEU B 5 6.65 -11.71 -17.51
C LEU B 5 6.46 -12.90 -16.56
N GLN B 6 7.52 -13.66 -16.32
CA GLN B 6 7.39 -14.83 -15.45
C GLN B 6 8.52 -14.88 -14.43
N GLY B 7 8.16 -14.91 -13.16
CA GLY B 7 9.16 -14.94 -12.12
C GLY B 7 8.60 -15.21 -10.75
N GLN B 8 9.50 -15.30 -9.78
CA GLN B 8 9.10 -15.50 -8.39
C GLN B 8 10.17 -15.01 -7.41
N TRP B 9 9.75 -14.67 -6.20
CA TRP B 9 10.65 -14.24 -5.13
C TRP B 9 11.29 -15.41 -4.44
N ILE B 10 12.58 -15.24 -4.14
CA ILE B 10 13.37 -16.22 -3.40
C ILE B 10 14.08 -15.49 -2.27
N LYS B 11 13.91 -15.98 -1.05
CA LYS B 11 14.63 -15.40 0.07
C LYS B 11 16.03 -16.00 0.08
N VAL B 12 17.03 -15.16 -0.17
CA VAL B 12 18.41 -15.61 -0.27
C VAL B 12 19.01 -15.80 1.11
N GLY B 13 19.31 -17.05 1.46
CA GLY B 13 19.87 -17.39 2.76
C GLY B 13 21.22 -16.74 3.00
N GLN B 14 21.43 -16.30 4.24
CA GLN B 14 22.69 -15.67 4.63
C GLN B 14 23.35 -16.47 5.76
N LYS B 15 24.50 -17.05 5.49
CA LYS B 15 25.02 -18.11 6.38
C LYS B 15 26.14 -17.66 7.31
N GLY B 16 26.41 -16.35 7.36
CA GLY B 16 27.35 -15.84 8.33
C GLY B 16 28.44 -14.94 7.76
N GLY B 17 29.46 -14.68 8.57
CA GLY B 17 30.53 -13.77 8.21
C GLY B 17 30.31 -12.39 8.82
N THR B 18 31.02 -11.39 8.31
CA THR B 18 30.85 -10.02 8.79
C THR B 18 29.91 -9.24 7.88
N GLY B 19 28.62 -9.31 8.17
CA GLY B 19 27.63 -8.68 7.31
C GLY B 19 27.18 -7.33 7.83
N PRO B 20 26.46 -6.58 7.00
CA PRO B 20 26.04 -5.23 7.38
C PRO B 20 24.97 -5.21 8.46
N GLY B 21 24.28 -6.32 8.68
CA GLY B 21 23.14 -6.30 9.57
C GLY B 21 22.00 -5.50 8.94
N PRO B 22 20.94 -5.24 9.72
CA PRO B 22 19.79 -4.49 9.23
C PRO B 22 20.11 -3.02 8.98
N ARG B 23 19.66 -2.49 7.85
CA ARG B 23 19.85 -1.09 7.55
C ARG B 23 19.01 -0.68 6.36
N SER B 24 18.86 0.62 6.15
CA SER B 24 18.14 1.14 5.02
C SER B 24 18.96 2.24 4.36
N SER B 25 18.51 2.74 3.22
CA SER B 25 19.06 3.96 2.63
C SER B 25 20.52 3.79 2.19
N HIS B 26 20.92 2.55 1.90
CA HIS B 26 22.27 2.22 1.47
C HIS B 26 22.34 1.86 0.00
N GLY B 27 23.55 1.67 -0.52
CA GLY B 27 23.71 1.32 -1.92
C GLY B 27 24.31 -0.05 -2.12
N ILE B 28 23.72 -0.85 -3.01
CA ILE B 28 24.30 -2.14 -3.39
C ILE B 28 24.46 -2.27 -4.90
N ALA B 29 25.35 -3.16 -5.33
CA ALA B 29 25.46 -3.51 -6.75
C ALA B 29 26.22 -4.83 -6.89
N ALA B 30 25.98 -5.54 -7.97
CA ALA B 30 26.54 -6.88 -8.14
C ALA B 30 27.58 -6.91 -9.23
N VAL B 31 28.72 -7.54 -8.97
CA VAL B 31 29.70 -7.82 -10.02
C VAL B 31 29.96 -9.31 -9.96
N GLY B 32 29.63 -10.02 -11.04
CA GLY B 32 29.79 -11.46 -11.08
C GLY B 32 29.03 -12.13 -9.94
N ASP B 33 29.71 -12.97 -9.18
CA ASP B 33 29.06 -13.68 -8.09
C ASP B 33 29.14 -12.93 -6.77
N LYS B 34 29.43 -11.63 -6.82
CA LYS B 34 29.51 -10.90 -5.57
C LYS B 34 28.58 -9.69 -5.52
N LEU B 35 28.08 -9.43 -4.32
CA LEU B 35 27.26 -8.26 -4.06
C LEU B 35 28.01 -7.31 -3.15
N TYR B 36 28.07 -6.05 -3.52
CA TYR B 36 28.78 -5.08 -2.70
C TYR B 36 27.77 -4.12 -2.11
N SER B 37 28.03 -3.77 -0.86
CA SER B 37 27.13 -2.91 -0.09
C SER B 37 27.90 -1.81 0.65
N PHE B 38 27.46 -0.58 0.47
CA PHE B 38 28.06 0.54 1.15
C PHE B 38 27.00 1.49 1.67
N GLY B 39 27.19 1.96 2.91
CA GLY B 39 26.28 2.90 3.51
C GLY B 39 25.19 2.29 4.36
N GLY B 40 24.32 3.13 4.86
CA GLY B 40 23.24 2.59 5.65
C GLY B 40 22.79 3.47 6.78
N GLU B 41 21.59 3.17 7.24
CA GLU B 41 20.93 3.96 8.25
C GLU B 41 20.21 2.94 9.10
N LEU B 42 20.43 2.97 10.40
CA LEU B 42 19.78 2.03 11.28
C LEU B 42 18.81 2.78 12.19
N THR B 43 19.38 3.60 13.06
CA THR B 43 18.62 4.60 13.80
C THR B 43 18.30 5.72 12.82
N PRO B 44 17.02 6.14 12.78
CA PRO B 44 16.59 7.14 11.78
C PRO B 44 17.47 8.38 11.75
N ASN B 45 17.93 8.73 10.56
CA ASN B 45 18.79 9.89 10.36
C ASN B 45 20.12 9.80 11.09
N LYS B 46 20.55 8.58 11.40
CA LYS B 46 21.90 8.34 11.92
C LYS B 46 22.67 7.38 11.01
N HIS B 47 23.93 7.70 10.72
CA HIS B 47 24.76 6.81 9.92
C HIS B 47 25.20 5.59 10.73
N ILE B 48 25.83 4.63 10.06
CA ILE B 48 26.30 3.45 10.74
C ILE B 48 27.80 3.30 10.60
N ASP B 49 28.27 3.11 9.37
CA ASP B 49 29.68 2.80 9.16
C ASP B 49 30.06 3.10 7.74
N LYS B 50 31.32 2.84 7.40
CA LYS B 50 31.81 3.14 6.06
C LYS B 50 32.58 1.97 5.45
N ASP B 51 32.34 0.78 5.96
CA ASP B 51 32.92 -0.43 5.38
C ASP B 51 32.26 -0.79 4.04
N LEU B 52 33.05 -1.37 3.16
CA LEU B 52 32.52 -1.98 1.96
C LEU B 52 32.26 -3.45 2.24
N TYR B 53 30.99 -3.82 2.31
CA TYR B 53 30.64 -5.20 2.57
C TYR B 53 30.56 -5.99 1.26
N VAL B 54 30.93 -7.26 1.32
CA VAL B 54 30.89 -8.15 0.16
C VAL B 54 30.16 -9.45 0.50
N PHE B 55 29.12 -9.75 -0.27
CA PHE B 55 28.37 -10.98 -0.10
C PHE B 55 28.70 -11.91 -1.25
N ASP B 56 29.22 -13.08 -0.93
CA ASP B 56 29.58 -14.08 -1.93
C ASP B 56 28.42 -15.07 -2.05
N PHE B 57 27.84 -15.12 -3.23
CA PHE B 57 26.67 -15.97 -3.53
C PHE B 57 26.96 -17.47 -3.52
N ASN B 58 28.20 -17.86 -3.80
CA ASN B 58 28.58 -19.27 -3.74
C ASN B 58 28.62 -19.79 -2.31
N THR B 59 29.26 -19.06 -1.41
CA THR B 59 29.29 -19.47 -0.02
C THR B 59 28.11 -18.90 0.75
N GLN B 60 27.39 -17.98 0.11
CA GLN B 60 26.31 -17.20 0.74
C GLN B 60 26.77 -16.64 2.07
N THR B 61 27.95 -16.03 2.05
CA THR B 61 28.50 -15.45 3.28
C THR B 61 29.00 -14.02 3.06
N TRP B 62 29.11 -13.26 4.15
CA TRP B 62 29.56 -11.87 4.11
C TRP B 62 30.99 -11.67 4.60
N SER B 63 31.71 -10.75 3.96
CA SER B 63 33.03 -10.33 4.41
C SER B 63 33.18 -8.83 4.23
N ILE B 64 34.26 -8.25 4.75
CA ILE B 64 34.51 -6.83 4.56
C ILE B 64 35.70 -6.64 3.62
N ALA B 65 35.48 -5.91 2.53
CA ALA B 65 36.55 -5.65 1.59
C ALA B 65 37.60 -4.79 2.26
N GLN B 66 38.86 -5.06 1.98
CA GLN B 66 39.91 -4.25 2.57
C GLN B 66 39.97 -2.89 1.89
N PRO B 67 39.94 -1.83 2.70
CA PRO B 67 39.85 -0.45 2.20
C PRO B 67 41.16 0.13 1.63
N LYS B 68 41.69 -0.51 0.58
CA LYS B 68 42.89 -0.02 -0.09
C LYS B 68 42.61 1.16 -1.02
N GLY B 69 43.61 2.03 -1.16
CA GLY B 69 43.52 3.22 -1.98
C GLY B 69 42.77 4.32 -1.25
N ASP B 70 42.07 5.15 -2.03
CA ASP B 70 41.32 6.29 -1.51
C ASP B 70 39.94 5.89 -1.01
N ALA B 71 39.91 5.21 0.13
CA ALA B 71 38.67 4.70 0.69
C ALA B 71 37.72 5.81 1.08
N PRO B 72 36.41 5.49 1.15
CA PRO B 72 35.44 6.49 1.61
C PRO B 72 35.79 6.99 3.00
N THR B 73 35.54 8.28 3.25
CA THR B 73 35.84 8.88 4.53
C THR B 73 34.57 9.13 5.34
N VAL B 74 33.42 9.06 4.69
CA VAL B 74 32.17 9.40 5.36
C VAL B 74 31.27 8.18 5.55
N SER B 75 30.78 7.97 6.78
CA SER B 75 29.73 6.99 6.99
C SER B 75 28.43 7.55 6.43
N CYS B 76 27.89 6.93 5.39
CA CYS B 76 26.79 7.54 4.62
C CYS B 76 25.43 6.92 4.77
N LEU B 77 24.41 7.76 4.82
CA LEU B 77 23.07 7.32 4.51
C LEU B 77 22.63 8.04 3.22
N GLY B 78 21.75 7.43 2.43
CA GLY B 78 21.27 8.09 1.24
C GLY B 78 22.26 8.07 0.09
N VAL B 79 23.23 7.18 0.17
CA VAL B 79 24.22 6.99 -0.88
C VAL B 79 23.73 5.94 -1.89
N ARG B 80 24.18 6.02 -3.15
CA ARG B 80 23.83 4.94 -4.06
C ARG B 80 25.06 4.39 -4.80
N MET B 81 24.87 3.22 -5.41
CA MET B 81 25.94 2.46 -6.02
C MET B 81 25.53 1.84 -7.34
N VAL B 82 26.41 1.88 -8.34
CA VAL B 82 26.16 1.14 -9.59
C VAL B 82 27.38 0.36 -9.98
N ALA B 83 27.21 -0.65 -10.83
CA ALA B 83 28.36 -1.41 -11.30
C ALA B 83 28.50 -1.25 -12.81
N VAL B 84 29.72 -0.98 -13.28
CA VAL B 84 30.02 -1.03 -14.71
C VAL B 84 31.28 -1.83 -14.89
N GLY B 85 31.20 -2.87 -15.71
CA GLY B 85 32.33 -3.75 -15.90
C GLY B 85 32.70 -4.36 -14.57
N THR B 86 33.98 -4.26 -14.21
CA THR B 86 34.44 -4.83 -12.94
C THR B 86 34.55 -3.78 -11.83
N LYS B 87 34.11 -2.56 -12.12
CA LYS B 87 34.15 -1.52 -11.10
C LYS B 87 32.75 -1.21 -10.56
N ILE B 88 32.68 -0.87 -9.28
CA ILE B 88 31.47 -0.32 -8.71
C ILE B 88 31.73 1.14 -8.38
N TYR B 89 30.68 1.95 -8.41
CA TYR B 89 30.76 3.38 -8.24
C TYR B 89 29.79 3.83 -7.17
N ILE B 90 30.27 4.60 -6.20
CA ILE B 90 29.36 5.22 -5.25
C ILE B 90 29.31 6.73 -5.45
N PHE B 91 28.10 7.25 -5.31
CA PHE B 91 27.84 8.69 -5.43
C PHE B 91 26.98 9.14 -4.26
N GLY B 92 27.35 10.30 -3.72
CA GLY B 92 26.52 11.02 -2.77
C GLY B 92 26.47 10.37 -1.40
N GLY B 93 25.42 10.70 -0.66
CA GLY B 93 25.26 10.28 0.72
C GLY B 93 25.79 11.31 1.70
N ARG B 94 25.37 11.23 2.95
CA ARG B 94 25.83 12.16 3.96
C ARG B 94 25.88 11.46 5.32
N ASP B 95 26.62 12.00 6.27
CA ASP B 95 26.50 11.44 7.61
C ASP B 95 25.58 12.29 8.47
N GLU B 96 25.45 11.85 9.71
CA GLU B 96 24.59 12.46 10.70
C GLU B 96 24.90 13.95 10.88
N ASN B 97 26.16 14.32 10.68
CA ASN B 97 26.63 15.69 10.88
C ASN B 97 26.70 16.49 9.59
N ARG B 98 26.10 15.94 8.54
CA ARG B 98 25.96 16.58 7.26
C ARG B 98 27.31 16.80 6.56
N ASN B 99 28.24 15.90 6.82
CA ASN B 99 29.36 15.67 5.91
C ASN B 99 28.89 14.83 4.71
N PHE B 100 29.11 15.32 3.49
CA PHE B 100 28.67 14.61 2.29
C PHE B 100 29.81 13.88 1.56
N GLU B 101 29.59 12.62 1.18
CA GLU B 101 30.58 11.83 0.44
C GLU B 101 30.65 12.30 -1.00
N ASN B 102 31.70 11.89 -1.72
CA ASN B 102 31.89 12.35 -3.08
C ASN B 102 31.64 11.29 -4.17
N PHE B 103 32.46 11.24 -5.21
CA PHE B 103 32.28 10.23 -6.25
C PHE B 103 33.51 9.34 -6.31
N ARG B 104 33.31 8.05 -6.02
CA ARG B 104 34.45 7.11 -5.95
C ARG B 104 34.14 5.78 -6.62
N SER B 105 35.15 5.10 -7.14
CA SER B 105 34.95 3.74 -7.61
C SER B 105 35.86 2.74 -6.91
N TYR B 106 35.36 1.51 -6.81
CA TYR B 106 36.14 0.43 -6.28
C TYR B 106 36.31 -0.58 -7.43
N ASP B 107 37.56 -0.97 -7.66
CA ASP B 107 37.89 -1.95 -8.68
C ASP B 107 37.93 -3.30 -8.02
N THR B 108 37.03 -4.19 -8.44
CA THR B 108 36.92 -5.52 -7.85
C THR B 108 38.10 -6.42 -8.21
N VAL B 109 38.79 -6.08 -9.31
CA VAL B 109 39.99 -6.82 -9.70
C VAL B 109 41.20 -6.48 -8.83
N THR B 110 41.45 -5.18 -8.66
CA THR B 110 42.61 -4.74 -7.91
C THR B 110 42.34 -4.56 -6.42
N SER B 111 41.06 -4.61 -6.05
CA SER B 111 40.59 -4.36 -4.69
C SER B 111 40.94 -2.95 -4.17
N GLU B 112 40.95 -1.97 -5.05
CA GLU B 112 41.35 -0.64 -4.63
C GLU B 112 40.32 0.45 -4.95
N TRP B 113 40.23 1.44 -4.06
CA TRP B 113 39.37 2.61 -4.25
C TRP B 113 40.12 3.71 -4.99
N THR B 114 39.42 4.37 -5.90
CA THR B 114 39.93 5.53 -6.60
C THR B 114 38.96 6.71 -6.42
N PHE B 115 39.47 7.85 -5.99
CA PHE B 115 38.68 9.07 -5.89
C PHE B 115 38.51 9.67 -7.28
N LEU B 116 37.27 9.93 -7.68
CA LEU B 116 37.00 10.37 -9.05
C LEU B 116 36.50 11.81 -9.09
N THR B 117 35.58 12.18 -8.23
CA THR B 117 35.13 13.56 -8.32
C THR B 117 34.74 14.14 -6.96
N LYS B 118 35.22 15.36 -6.73
CA LYS B 118 34.79 16.12 -5.57
C LYS B 118 33.49 16.85 -5.93
N LEU B 119 32.45 16.57 -5.16
CA LEU B 119 31.13 17.15 -5.44
C LEU B 119 30.96 18.51 -4.78
N ASP B 120 29.93 19.23 -5.22
CA ASP B 120 29.60 20.56 -4.72
C ASP B 120 30.72 21.57 -4.99
N GLU B 121 31.50 21.33 -6.06
CA GLU B 121 32.44 22.32 -6.56
C GLU B 121 31.73 23.14 -7.61
N VAL B 122 32.30 24.30 -7.97
CA VAL B 122 31.72 25.14 -9.01
C VAL B 122 31.76 24.48 -10.39
N GLY B 123 30.62 24.48 -11.06
CA GLY B 123 30.48 23.91 -12.39
C GLY B 123 30.57 22.40 -12.43
N GLY B 124 30.56 21.79 -11.24
CA GLY B 124 30.64 20.35 -11.12
C GLY B 124 29.38 19.85 -10.48
N PRO B 125 29.15 18.53 -10.51
CA PRO B 125 27.89 18.00 -9.97
C PRO B 125 27.76 18.22 -8.47
N GLU B 126 26.57 18.64 -8.05
CA GLU B 126 26.30 18.93 -6.65
C GLU B 126 26.21 17.66 -5.82
N ALA B 127 26.65 17.76 -4.56
CA ALA B 127 26.44 16.74 -3.53
C ALA B 127 24.96 16.56 -3.20
N ARG B 128 24.64 15.41 -2.63
CA ARG B 128 23.30 14.89 -2.79
C ARG B 128 22.96 13.76 -1.88
N THR B 129 21.69 13.68 -1.51
CA THR B 129 21.21 12.53 -0.78
C THR B 129 19.94 11.97 -1.47
N PHE B 130 19.82 10.65 -1.50
CA PHE B 130 18.61 9.98 -1.97
C PHE B 130 18.28 10.28 -3.43
N HIS B 131 19.33 10.50 -4.20
CA HIS B 131 19.28 10.52 -5.64
C HIS B 131 19.09 9.11 -6.16
N SER B 132 19.14 8.96 -7.47
CA SER B 132 19.07 7.64 -8.07
C SER B 132 20.17 7.52 -9.10
N MET B 133 20.62 6.30 -9.36
CA MET B 133 21.70 6.08 -10.26
C MET B 133 21.36 5.01 -11.27
N ALA B 134 21.88 5.15 -12.47
CA ALA B 134 21.78 4.10 -13.47
C ALA B 134 23.11 4.08 -14.19
N SER B 135 23.31 3.15 -15.12
CA SER B 135 24.54 3.11 -15.89
C SER B 135 24.42 2.34 -17.20
N ASP B 136 25.33 2.64 -18.13
CA ASP B 136 25.56 1.80 -19.29
C ASP B 136 27.06 1.67 -19.50
N GLU B 137 27.44 1.07 -20.62
CA GLU B 137 28.81 0.65 -20.86
C GLU B 137 29.86 1.74 -20.70
N ASN B 138 29.52 2.98 -20.99
CA ASN B 138 30.49 4.05 -20.84
C ASN B 138 29.99 5.17 -19.95
N HIS B 139 28.87 4.96 -19.25
CA HIS B 139 28.38 6.04 -18.40
C HIS B 139 27.82 5.63 -17.07
N VAL B 140 28.03 6.50 -16.08
CA VAL B 140 27.29 6.45 -14.83
C VAL B 140 26.36 7.68 -14.86
N TYR B 141 25.07 7.48 -14.57
CA TYR B 141 24.09 8.56 -14.59
C TYR B 141 23.53 8.76 -13.17
N VAL B 142 23.33 10.02 -12.80
CA VAL B 142 22.75 10.38 -11.52
C VAL B 142 21.50 11.24 -11.75
N PHE B 143 20.37 10.85 -11.17
CA PHE B 143 19.15 11.63 -11.30
C PHE B 143 18.64 12.13 -9.95
N GLY B 144 18.11 13.35 -9.97
CA GLY B 144 17.35 13.87 -8.85
C GLY B 144 18.10 13.89 -7.54
N GLY B 145 17.37 13.71 -6.45
CA GLY B 145 17.94 13.73 -5.12
C GLY B 145 17.74 15.03 -4.39
N VAL B 146 18.24 15.08 -3.18
CA VAL B 146 18.13 16.22 -2.29
C VAL B 146 19.53 16.81 -2.05
N SER B 147 19.71 18.08 -2.41
CA SER B 147 21.01 18.76 -2.32
C SER B 147 21.46 19.07 -0.88
N LYS B 148 22.75 19.37 -0.74
CA LYS B 148 23.31 19.83 0.54
C LYS B 148 22.68 21.13 1.02
N GLY B 149 22.32 21.15 2.30
CA GLY B 149 21.66 22.29 2.92
C GLY B 149 22.59 23.29 3.59
N GLY B 150 22.64 24.50 3.02
CA GLY B 150 23.29 25.62 3.65
C GLY B 150 22.20 26.63 3.95
N THR B 151 22.55 27.72 4.61
CA THR B 151 21.65 28.88 4.68
C THR B 151 21.68 29.50 3.29
N MET B 152 22.76 29.20 2.58
CA MET B 152 22.91 29.55 1.17
C MET B 152 21.74 29.02 0.36
N ASN B 153 20.60 29.72 0.45
CA ASN B 153 19.31 29.14 0.05
C ASN B 153 19.08 27.89 0.93
N THR B 154 18.45 26.83 0.41
CA THR B 154 17.96 25.72 1.23
C THR B 154 18.25 24.43 0.46
N PRO B 155 18.21 23.27 1.15
CA PRO B 155 18.30 22.01 0.38
C PRO B 155 17.12 21.84 -0.58
N THR B 156 17.44 21.64 -1.86
CA THR B 156 16.42 21.53 -2.89
C THR B 156 16.58 20.20 -3.63
N ARG B 157 15.54 19.78 -4.35
CA ARG B 157 15.63 18.60 -5.20
C ARG B 157 16.06 18.94 -6.62
N PHE B 158 16.48 17.91 -7.35
CA PHE B 158 16.89 18.03 -8.75
C PHE B 158 15.91 17.35 -9.71
N ARG B 159 15.72 17.94 -10.88
CA ARG B 159 14.91 17.30 -11.93
C ARG B 159 15.77 16.86 -13.10
N THR B 160 17.09 17.02 -12.96
CA THR B 160 18.03 16.80 -14.05
C THR B 160 18.82 15.49 -13.93
N ILE B 161 19.43 15.07 -15.04
CA ILE B 161 20.38 13.95 -15.03
C ILE B 161 21.82 14.43 -15.22
N GLU B 162 22.73 13.94 -14.39
CA GLU B 162 24.16 14.17 -14.53
C GLU B 162 24.84 12.92 -15.11
N ALA B 163 25.60 13.13 -16.18
CA ALA B 163 26.22 12.04 -16.90
C ALA B 163 27.74 12.04 -16.75
N TYR B 164 28.26 10.94 -16.24
CA TYR B 164 29.70 10.74 -16.13
C TYR B 164 30.16 9.82 -17.22
N ASN B 165 31.01 10.36 -18.09
CA ASN B 165 31.70 9.61 -19.12
C ASN B 165 32.93 9.00 -18.49
N ILE B 166 32.94 7.66 -18.47
CA ILE B 166 33.95 6.86 -17.79
C ILE B 166 35.33 6.98 -18.46
N ALA B 167 35.38 6.87 -19.77
CA ALA B 167 36.63 7.01 -20.52
C ALA B 167 37.22 8.41 -20.40
N ASP B 168 36.37 9.43 -20.49
CA ASP B 168 36.80 10.83 -20.37
C ASP B 168 37.08 11.23 -18.93
N GLY B 169 36.53 10.46 -17.99
CA GLY B 169 36.47 10.89 -16.60
C GLY B 169 35.77 12.23 -16.45
N LYS B 170 34.71 12.48 -17.21
CA LYS B 170 34.08 13.80 -17.14
C LYS B 170 32.57 13.82 -16.94
N TRP B 171 32.10 14.75 -16.12
CA TRP B 171 30.68 15.00 -15.89
C TRP B 171 30.11 16.06 -16.82
N ALA B 172 28.90 15.83 -17.29
CA ALA B 172 28.12 16.84 -17.99
C ALA B 172 26.65 16.67 -17.68
N GLN B 173 25.98 17.76 -17.39
CA GLN B 173 24.54 17.72 -17.18
C GLN B 173 23.81 17.49 -18.51
N LEU B 174 22.94 16.50 -18.56
CA LEU B 174 22.11 16.27 -19.73
C LEU B 174 21.09 17.43 -19.80
N PRO B 175 20.45 17.65 -20.96
CA PRO B 175 19.51 18.76 -21.10
C PRO B 175 18.41 18.78 -20.02
N ASP B 176 18.14 19.96 -19.48
CA ASP B 176 17.14 20.13 -18.45
C ASP B 176 15.73 19.94 -19.02
N PRO B 177 14.98 18.95 -18.51
CA PRO B 177 13.64 18.64 -19.05
C PRO B 177 12.65 19.76 -18.82
N GLY B 178 12.98 20.65 -17.90
CA GLY B 178 12.19 21.85 -17.73
C GLY B 178 11.12 21.80 -16.66
N ASP B 179 10.35 22.87 -16.63
CA ASP B 179 9.41 23.20 -15.57
C ASP B 179 8.28 22.16 -15.40
N ASN B 180 8.01 21.38 -16.44
CA ASN B 180 6.92 20.41 -16.37
C ASN B 180 7.36 19.05 -15.85
N PHE B 181 8.61 18.97 -15.42
CA PHE B 181 9.15 17.75 -14.85
C PHE B 181 9.41 18.03 -13.40
N GLU B 182 8.94 17.15 -12.52
CA GLU B 182 9.10 17.36 -11.08
C GLU B 182 10.53 17.16 -10.60
N LYS B 183 10.97 18.05 -9.71
CA LYS B 183 12.18 17.82 -8.93
C LYS B 183 11.90 16.71 -7.92
N ARG B 184 12.68 15.62 -7.98
CA ARG B 184 12.36 14.44 -7.20
C ARG B 184 13.55 13.75 -6.55
N GLY B 185 13.30 13.15 -5.39
CA GLY B 185 14.23 12.23 -4.73
C GLY B 185 13.55 10.87 -4.66
N GLY B 186 14.30 9.83 -4.36
CA GLY B 186 13.72 8.50 -4.25
C GLY B 186 13.07 7.97 -5.53
N ALA B 187 13.57 8.40 -6.67
CA ALA B 187 12.92 8.05 -7.94
C ALA B 187 13.43 6.75 -8.54
N GLY B 188 12.55 6.07 -9.27
CA GLY B 188 12.95 4.97 -10.12
C GLY B 188 13.74 5.54 -11.28
N PHE B 189 14.81 4.86 -11.65
CA PHE B 189 15.73 5.40 -12.64
C PHE B 189 16.48 4.26 -13.29
N ALA B 190 16.45 4.20 -14.62
CA ALA B 190 17.01 3.03 -15.28
C ALA B 190 17.33 3.27 -16.74
N VAL B 191 18.40 2.65 -17.20
CA VAL B 191 18.70 2.63 -18.63
C VAL B 191 18.05 1.40 -19.20
N VAL B 192 17.13 1.61 -20.15
CA VAL B 192 16.47 0.52 -20.85
C VAL B 192 16.66 0.66 -22.36
N GLN B 193 17.37 -0.30 -22.96
CA GLN B 193 17.49 -0.39 -24.42
C GLN B 193 17.75 0.95 -25.07
N GLY B 194 18.78 1.63 -24.56
CA GLY B 194 19.25 2.89 -25.12
C GLY B 194 18.58 4.17 -24.69
N LYS B 195 17.54 4.07 -23.86
CA LYS B 195 16.89 5.28 -23.35
C LYS B 195 16.89 5.31 -21.82
N ILE B 196 16.78 6.50 -21.25
CA ILE B 196 16.90 6.60 -19.81
C ILE B 196 15.55 6.93 -19.18
N TRP B 197 15.01 5.98 -18.42
CA TRP B 197 13.67 6.12 -17.81
C TRP B 197 13.73 6.66 -16.39
N VAL B 198 12.83 7.61 -16.11
CA VAL B 198 12.57 8.17 -14.79
C VAL B 198 11.15 7.80 -14.36
N VAL B 199 11.02 7.17 -13.19
CA VAL B 199 9.75 6.60 -12.74
C VAL B 199 9.36 7.02 -11.32
N TYR B 200 8.33 7.85 -11.21
CA TYR B 200 7.74 8.20 -9.93
C TYR B 200 8.76 8.92 -9.05
N GLY B 201 8.73 8.68 -7.75
CA GLY B 201 9.61 9.38 -6.84
C GLY B 201 8.86 10.31 -5.93
N PHE B 202 9.60 11.15 -5.20
CA PHE B 202 9.00 12.08 -4.27
C PHE B 202 9.26 13.52 -4.72
N ALA B 203 8.20 14.29 -4.95
CA ALA B 203 8.29 15.54 -5.67
C ALA B 203 8.13 16.81 -4.82
N THR B 204 8.89 17.83 -5.20
CA THR B 204 8.69 19.16 -4.66
C THR B 204 7.44 19.79 -5.25
N SER B 205 6.64 20.37 -4.37
CA SER B 205 5.47 21.13 -4.72
C SER B 205 5.84 22.53 -5.15
N ILE B 206 5.03 23.12 -6.03
CA ILE B 206 5.19 24.50 -6.44
C ILE B 206 4.96 25.43 -5.26
N VAL B 207 4.12 24.99 -4.32
CA VAL B 207 3.90 25.73 -3.08
C VAL B 207 5.11 25.61 -2.17
N PRO B 208 5.81 26.73 -1.97
CA PRO B 208 7.00 26.72 -1.11
C PRO B 208 6.66 26.29 0.32
N GLY B 209 7.62 25.70 1.03
CA GLY B 209 7.39 25.31 2.41
C GLY B 209 7.69 23.85 2.70
N GLY B 210 7.30 22.97 1.79
CA GLY B 210 7.58 21.55 1.94
C GLY B 210 6.39 20.71 2.36
N LYS B 211 5.40 21.32 3.00
CA LYS B 211 4.21 20.64 3.52
C LYS B 211 3.38 19.93 2.43
N ASP B 212 3.53 20.37 1.18
CA ASP B 212 2.77 19.87 0.07
C ASP B 212 3.55 18.91 -0.81
N ASP B 213 4.83 18.71 -0.50
CA ASP B 213 5.61 17.76 -1.28
C ASP B 213 4.96 16.38 -1.26
N TYR B 214 5.03 15.65 -2.36
CA TYR B 214 4.10 14.52 -2.52
C TYR B 214 4.67 13.35 -3.33
N GLU B 215 4.09 12.16 -3.17
CA GLU B 215 4.45 11.04 -4.05
C GLU B 215 4.05 11.35 -5.50
N SER B 216 4.94 11.00 -6.43
CA SER B 216 4.73 11.19 -7.86
C SER B 216 4.42 9.90 -8.58
N ASN B 217 3.57 9.96 -9.61
CA ASN B 217 3.38 8.82 -10.51
C ASN B 217 3.82 9.13 -11.93
N ALA B 218 4.64 10.16 -12.07
CA ALA B 218 5.10 10.60 -13.39
C ALA B 218 6.09 9.60 -13.97
N VAL B 219 5.97 9.35 -15.27
CA VAL B 219 6.89 8.48 -15.97
C VAL B 219 7.42 9.21 -17.21
N GLN B 220 8.74 9.30 -17.36
CA GLN B 220 9.35 9.94 -18.52
C GLN B 220 10.55 9.15 -19.00
N PHE B 221 10.99 9.38 -20.23
CA PHE B 221 12.30 8.91 -20.64
C PHE B 221 13.09 9.99 -21.38
N TYR B 222 14.41 9.87 -21.35
CA TYR B 222 15.29 10.72 -22.12
C TYR B 222 15.90 9.92 -23.24
N ASP B 223 15.86 10.48 -24.44
CA ASP B 223 16.36 9.81 -25.63
C ASP B 223 17.62 10.51 -26.09
N PRO B 224 18.76 9.83 -25.93
CA PRO B 224 20.09 10.29 -26.32
C PRO B 224 20.17 10.55 -27.82
N ALA B 225 19.47 9.74 -28.63
CA ALA B 225 19.48 9.93 -30.07
C ALA B 225 18.96 11.32 -30.49
N SER B 226 17.91 11.80 -29.83
CA SER B 226 17.39 13.15 -30.11
C SER B 226 17.77 14.15 -29.04
N LYS B 227 18.42 13.70 -27.96
CA LYS B 227 18.66 14.57 -26.82
C LYS B 227 17.34 15.18 -26.35
N LYS B 228 16.26 14.39 -26.32
CA LYS B 228 15.00 15.00 -25.89
C LYS B 228 14.23 14.13 -24.88
N TRP B 229 13.40 14.79 -24.08
CA TRP B 229 12.61 14.11 -23.06
C TRP B 229 11.19 13.84 -23.54
N THR B 230 10.68 12.64 -23.25
CA THR B 230 9.28 12.32 -23.52
C THR B 230 8.56 11.96 -22.23
N GLU B 231 7.44 12.61 -21.98
CA GLU B 231 6.57 12.26 -20.87
C GLU B 231 5.57 11.21 -21.35
N VAL B 232 5.45 10.12 -20.61
CA VAL B 232 4.62 9.04 -21.11
C VAL B 232 3.46 8.67 -20.17
N GLU B 233 2.30 8.39 -20.76
CA GLU B 233 1.11 7.93 -20.04
C GLU B 233 0.99 6.42 -20.05
N THR B 234 1.15 5.81 -18.89
CA THR B 234 1.16 4.36 -18.79
C THR B 234 -0.22 3.88 -18.37
N THR B 235 -0.52 2.62 -18.69
CA THR B 235 -1.77 1.97 -18.31
C THR B 235 -1.52 0.60 -17.74
N GLY B 236 -2.59 -0.19 -17.72
CA GLY B 236 -2.55 -1.52 -17.15
C GLY B 236 -2.75 -1.43 -15.65
N ALA B 237 -2.13 -2.36 -14.93
CA ALA B 237 -2.26 -2.44 -13.49
C ALA B 237 -1.28 -1.45 -12.85
N LYS B 238 -1.60 -0.17 -12.99
CA LYS B 238 -0.71 0.92 -12.67
C LYS B 238 -0.67 1.27 -11.18
N PRO B 239 0.51 1.20 -10.57
CA PRO B 239 0.60 1.48 -9.13
C PRO B 239 0.33 2.94 -8.81
N SER B 240 -0.29 3.18 -7.65
CA SER B 240 -0.40 4.55 -7.16
C SER B 240 0.99 5.14 -6.94
N ALA B 241 1.08 6.46 -6.93
CA ALA B 241 2.33 7.18 -6.75
C ALA B 241 3.09 6.67 -5.52
N ARG B 242 4.41 6.57 -5.63
CA ARG B 242 5.24 6.06 -4.54
C ARG B 242 6.71 6.39 -4.82
N SER B 243 7.55 6.17 -3.81
CA SER B 243 8.97 6.52 -3.92
C SER B 243 9.76 5.51 -3.12
N VAL B 244 11.08 5.65 -3.17
CA VAL B 244 12.04 4.79 -2.47
C VAL B 244 11.65 3.31 -2.51
N PHE B 245 11.38 2.82 -3.72
CA PHE B 245 11.06 1.42 -3.95
C PHE B 245 12.26 0.71 -4.55
N ALA B 246 12.40 -0.58 -4.30
CA ALA B 246 13.42 -1.37 -4.98
C ALA B 246 13.09 -1.43 -6.48
N HIS B 247 14.10 -1.35 -7.34
CA HIS B 247 13.86 -1.49 -8.78
C HIS B 247 15.08 -1.92 -9.59
N ALA B 248 14.80 -2.51 -10.74
CA ALA B 248 15.86 -2.97 -11.63
C ALA B 248 15.27 -3.18 -13.03
N VAL B 249 16.15 -3.22 -14.03
CA VAL B 249 15.78 -3.52 -15.41
C VAL B 249 16.01 -4.99 -15.72
N VAL B 250 15.02 -5.63 -16.33
CA VAL B 250 15.24 -6.93 -16.95
C VAL B 250 14.64 -6.87 -18.37
N GLY B 251 15.48 -6.90 -19.39
CA GLY B 251 15.02 -6.75 -20.77
C GLY B 251 14.33 -5.41 -20.98
N LYS B 252 13.08 -5.46 -21.45
CA LYS B 252 12.28 -4.24 -21.62
C LYS B 252 11.51 -3.83 -20.36
N TYR B 253 11.61 -4.62 -19.29
CA TYR B 253 10.80 -4.37 -18.09
C TYR B 253 11.53 -3.57 -17.01
N ILE B 254 10.87 -2.52 -16.52
CA ILE B 254 11.31 -1.91 -15.25
C ILE B 254 10.50 -2.55 -14.13
N ILE B 255 11.16 -3.34 -13.30
CA ILE B 255 10.52 -4.05 -12.21
C ILE B 255 10.72 -3.25 -10.93
N ILE B 256 9.62 -3.02 -10.20
CA ILE B 256 9.67 -2.33 -8.93
C ILE B 256 9.00 -3.17 -7.86
N PHE B 257 9.46 -2.99 -6.62
CA PHE B 257 8.84 -3.62 -5.45
C PHE B 257 8.87 -2.70 -4.20
N ALA B 258 7.77 -2.76 -3.45
CA ALA B 258 7.62 -2.05 -2.18
C ALA B 258 7.64 -0.53 -2.36
N GLY B 259 8.12 0.18 -1.33
CA GLY B 259 8.26 1.62 -1.42
C GLY B 259 7.32 2.42 -0.53
N GLU B 260 7.49 3.73 -0.55
CA GLU B 260 6.65 4.59 0.26
C GLU B 260 5.52 5.16 -0.57
N VAL B 261 4.32 4.76 -0.19
CA VAL B 261 3.05 5.18 -0.77
C VAL B 261 2.50 6.49 -0.18
N TRP B 262 2.88 6.80 1.05
CA TRP B 262 2.52 8.09 1.64
C TRP B 262 3.58 8.52 2.67
N PRO B 263 3.97 9.79 2.66
CA PRO B 263 5.06 10.27 3.54
C PRO B 263 4.68 10.36 5.00
N ASP B 264 5.68 10.28 5.88
CA ASP B 264 5.44 10.42 7.30
C ASP B 264 5.38 11.91 7.67
N LEU B 265 4.55 12.29 8.62
CA LEU B 265 4.55 13.68 9.08
C LEU B 265 5.89 14.08 9.73
N ASN B 266 6.70 13.10 10.11
CA ASN B 266 8.02 13.35 10.72
C ASN B 266 9.19 13.07 9.80
N GLY B 267 8.99 13.27 8.50
CA GLY B 267 10.06 13.07 7.54
C GLY B 267 10.62 11.67 7.62
N HIS B 268 11.94 11.55 7.65
CA HIS B 268 12.56 10.27 7.52
C HIS B 268 12.63 9.64 8.94
N TYR B 269 12.17 10.38 9.96
CA TYR B 269 12.18 9.89 11.35
C TYR B 269 11.13 8.82 11.60
N GLY B 270 9.96 8.97 10.99
CA GLY B 270 8.92 7.96 11.06
C GLY B 270 8.87 7.05 9.82
N PRO B 271 8.06 5.99 9.87
CA PRO B 271 7.98 4.99 8.80
C PRO B 271 7.12 5.38 7.59
N GLY B 272 6.20 6.34 7.74
CA GLY B 272 5.28 6.68 6.69
C GLY B 272 4.42 5.48 6.32
N THR B 273 3.86 5.49 5.11
CA THR B 273 3.04 4.39 4.66
C THR B 273 3.78 3.59 3.60
N LEU B 274 4.10 2.33 3.90
CA LEU B 274 4.92 1.50 3.02
C LEU B 274 4.09 0.47 2.23
N SER B 275 4.71 -0.17 1.25
CA SER B 275 3.99 -1.14 0.42
C SER B 275 4.66 -2.53 0.41
N ASN B 276 3.87 -3.57 0.14
CA ASN B 276 4.42 -4.91 -0.01
C ASN B 276 4.05 -5.55 -1.35
N GLU B 277 3.94 -4.74 -2.38
CA GLU B 277 3.51 -5.20 -3.69
C GLU B 277 4.49 -4.78 -4.79
N GLY B 278 4.59 -5.59 -5.83
CA GLY B 278 5.49 -5.36 -6.93
C GLY B 278 4.78 -5.19 -8.26
N TYR B 279 5.43 -4.48 -9.17
CA TYR B 279 4.88 -4.19 -10.49
C TYR B 279 5.99 -4.21 -11.52
N ALA B 280 5.61 -4.39 -12.78
CA ALA B 280 6.56 -4.35 -13.88
C ALA B 280 5.99 -3.49 -14.99
N LEU B 281 6.79 -2.54 -15.45
CA LEU B 281 6.39 -1.71 -16.54
C LEU B 281 7.03 -2.27 -17.80
N ASP B 282 6.20 -2.66 -18.76
CA ASP B 282 6.66 -3.04 -20.08
C ASP B 282 6.92 -1.76 -20.85
N THR B 283 8.18 -1.41 -21.02
CA THR B 283 8.52 -0.12 -21.63
C THR B 283 8.18 -0.03 -23.12
N GLU B 284 7.94 -1.16 -23.78
CA GLU B 284 7.51 -1.11 -25.18
C GLU B 284 6.02 -0.77 -25.35
N THR B 285 5.15 -1.30 -24.49
CA THR B 285 3.68 -1.14 -24.62
C THR B 285 3.11 -0.12 -23.64
N LEU B 286 3.93 0.30 -22.66
CA LEU B 286 3.55 1.20 -21.58
C LEU B 286 2.52 0.58 -20.62
N VAL B 287 2.42 -0.75 -20.64
CA VAL B 287 1.47 -1.46 -19.81
C VAL B 287 2.16 -1.95 -18.54
N TRP B 288 1.58 -1.62 -17.39
CA TRP B 288 2.03 -2.18 -16.10
C TRP B 288 1.32 -3.49 -15.85
N GLU B 289 2.05 -4.42 -15.23
CA GLU B 289 1.43 -5.61 -14.67
C GLU B 289 1.92 -5.79 -13.23
N LYS B 290 1.14 -6.51 -12.44
CA LYS B 290 1.43 -6.70 -11.04
C LYS B 290 2.28 -7.95 -10.89
N LEU B 291 3.36 -7.89 -10.12
CA LEU B 291 4.18 -9.08 -9.94
C LEU B 291 3.42 -10.12 -9.16
N GLY B 292 3.71 -11.39 -9.43
CA GLY B 292 3.08 -12.48 -8.73
C GLY B 292 3.53 -12.48 -7.29
N GLU B 293 2.65 -12.97 -6.44
CA GLU B 293 2.83 -12.93 -5.00
C GLU B 293 3.74 -14.02 -4.43
N GLU B 294 4.12 -15.01 -5.25
CA GLU B 294 4.76 -16.21 -4.70
C GLU B 294 6.10 -15.92 -4.05
N GLY B 295 6.23 -16.23 -2.77
CA GLY B 295 7.46 -16.00 -2.06
C GLY B 295 7.69 -14.56 -1.61
N ALA B 296 6.76 -13.68 -1.97
CA ALA B 296 6.92 -12.25 -1.71
C ALA B 296 7.01 -11.95 -0.22
N PRO B 297 7.92 -11.04 0.16
CA PRO B 297 8.03 -10.60 1.55
C PRO B 297 6.70 -10.01 1.98
N ALA B 298 6.15 -10.51 3.08
CA ALA B 298 4.82 -10.09 3.53
C ALA B 298 4.81 -8.66 4.07
N ILE B 299 5.74 -8.38 4.99
CA ILE B 299 5.82 -7.08 5.67
C ILE B 299 6.17 -5.94 4.72
N PRO B 300 5.32 -4.91 4.64
CA PRO B 300 5.66 -3.78 3.79
C PRO B 300 7.02 -3.19 4.13
N ARG B 301 7.73 -2.67 3.15
CA ARG B 301 9.03 -2.09 3.37
C ARG B 301 9.28 -0.96 2.35
N GLY B 302 10.36 -0.22 2.56
CA GLY B 302 10.78 0.84 1.68
C GLY B 302 12.21 1.18 2.05
N TRP B 303 12.85 2.01 1.24
CA TRP B 303 14.20 2.50 1.50
C TRP B 303 15.19 1.35 1.49
N THR B 304 14.85 0.28 0.78
CA THR B 304 15.78 -0.82 0.60
C THR B 304 16.93 -0.40 -0.29
N ALA B 305 17.99 -1.20 -0.27
CA ALA B 305 18.98 -1.15 -1.32
C ALA B 305 18.52 -2.12 -2.42
N TYR B 306 18.92 -1.86 -3.66
CA TYR B 306 18.40 -2.64 -4.79
C TYR B 306 19.41 -2.69 -5.92
N THR B 307 19.41 -3.77 -6.67
CA THR B 307 20.25 -3.85 -7.87
C THR B 307 19.79 -4.96 -8.82
N ALA B 308 20.06 -4.80 -10.12
CA ALA B 308 19.91 -5.92 -11.01
C ALA B 308 20.99 -6.94 -10.71
N ALA B 309 20.63 -8.22 -10.69
CA ALA B 309 21.64 -9.24 -10.42
C ALA B 309 21.32 -10.56 -11.11
N THR B 310 22.33 -11.42 -11.18
CA THR B 310 22.17 -12.76 -11.70
C THR B 310 22.52 -13.72 -10.58
N VAL B 311 21.55 -14.52 -10.15
CA VAL B 311 21.72 -15.42 -9.02
C VAL B 311 21.23 -16.81 -9.41
N ASP B 312 22.04 -17.82 -9.11
CA ASP B 312 21.74 -19.22 -9.46
C ASP B 312 21.25 -19.33 -10.90
N GLY B 313 21.87 -18.58 -11.80
CA GLY B 313 21.59 -18.65 -13.22
C GLY B 313 20.52 -17.73 -13.76
N LYS B 314 19.79 -17.03 -12.88
CA LYS B 314 18.66 -16.23 -13.35
C LYS B 314 18.88 -14.75 -13.09
N ASN B 315 18.46 -13.91 -14.05
CA ASN B 315 18.44 -12.47 -13.87
C ASN B 315 17.25 -12.02 -13.03
N GLY B 316 17.39 -10.86 -12.40
CA GLY B 316 16.26 -10.33 -11.67
C GLY B 316 16.59 -9.22 -10.70
N LEU B 317 15.64 -8.97 -9.81
CA LEU B 317 15.76 -7.86 -8.90
C LEU B 317 16.27 -8.32 -7.55
N LEU B 318 17.40 -7.80 -7.12
CA LEU B 318 17.95 -8.12 -5.81
C LEU B 318 17.69 -6.96 -4.87
N MET B 319 17.16 -7.28 -3.69
CA MET B 319 16.67 -6.30 -2.72
C MET B 319 17.22 -6.64 -1.35
N HIS B 320 17.81 -5.65 -0.68
CA HIS B 320 18.35 -5.89 0.64
C HIS B 320 17.93 -4.82 1.64
N GLY B 321 17.60 -5.25 2.85
CA GLY B 321 17.30 -4.33 3.93
C GLY B 321 16.07 -3.49 3.67
N GLY B 322 16.07 -2.28 4.23
CA GLY B 322 14.93 -1.39 4.15
C GLY B 322 14.33 -1.14 5.54
N LYS B 323 13.37 -0.22 5.63
CA LYS B 323 12.68 0.04 6.88
C LYS B 323 11.29 -0.55 6.83
N LEU B 324 10.75 -0.86 8.01
CA LEU B 324 9.48 -1.56 8.12
C LEU B 324 8.42 -0.63 8.75
N PRO B 325 7.12 -1.02 8.72
CA PRO B 325 6.06 -0.14 9.27
C PRO B 325 6.22 0.13 10.76
N THR B 326 6.93 -0.75 11.43
CA THR B 326 7.25 -0.58 12.84
C THR B 326 8.43 0.38 13.03
N ASN B 327 8.99 0.87 11.93
CA ASN B 327 10.16 1.76 11.90
C ASN B 327 11.46 1.06 12.22
N GLU B 328 11.40 -0.24 12.45
CA GLU B 328 12.58 -1.07 12.48
C GLU B 328 13.15 -1.24 11.08
N ARG B 329 14.43 -1.63 11.01
CA ARG B 329 15.07 -2.02 9.76
C ARG B 329 15.11 -3.53 9.66
N THR B 330 15.41 -4.04 8.48
CA THR B 330 15.53 -5.47 8.28
C THR B 330 16.84 -5.73 7.58
N ASP B 331 17.31 -6.97 7.64
CA ASP B 331 18.49 -7.36 6.88
C ASP B 331 18.12 -8.38 5.79
N ASP B 332 16.82 -8.52 5.54
CA ASP B 332 16.31 -9.45 4.52
C ASP B 332 17.00 -9.27 3.17
N LEU B 333 17.39 -10.39 2.60
CA LEU B 333 17.94 -10.39 1.26
C LEU B 333 17.01 -11.20 0.39
N TYR B 334 16.38 -10.54 -0.58
CA TYR B 334 15.38 -11.16 -1.44
C TYR B 334 15.76 -11.00 -2.92
N PHE B 335 15.40 -11.98 -3.74
CA PHE B 335 15.67 -11.92 -5.18
C PHE B 335 14.45 -12.31 -6.00
N TYR B 336 13.99 -11.43 -6.87
CA TYR B 336 12.92 -11.81 -7.79
C TYR B 336 13.55 -12.34 -9.06
N ALA B 337 13.54 -13.66 -9.19
CA ALA B 337 14.18 -14.32 -10.33
C ALA B 337 13.20 -14.40 -11.48
N VAL B 338 13.59 -13.81 -12.60
CA VAL B 338 12.77 -13.83 -13.79
C VAL B 338 13.13 -15.07 -14.60
N ASN B 339 12.17 -15.95 -14.82
CA ASN B 339 12.38 -17.16 -15.61
C ASN B 339 12.42 -16.83 -17.09
N SER B 340 11.66 -15.80 -17.47
CA SER B 340 11.50 -15.35 -18.86
C SER B 340 12.82 -14.87 -19.48
N ALA B 341 13.91 -14.97 -18.74
CA ALA B 341 15.20 -14.48 -19.21
C ALA B 341 16.15 -15.64 -19.47
#